data_7YJN
#
_entry.id   7YJN
#
_cell.length_a   1.00
_cell.length_b   1.00
_cell.length_c   1.00
_cell.angle_alpha   90.00
_cell.angle_beta   90.00
_cell.angle_gamma   90.00
#
_symmetry.space_group_name_H-M   'P 1'
#
loop_
_entity.id
_entity.type
_entity.pdbx_description
1 polymer 'Long chain base biosynthesis protein 1'
2 polymer 'Long chain base biosynthesis protein 2a'
3 polymer 'ORMDL family protein'
4 polymer 'Long chain base biosynthesis protein 1'
5 polymer 'Transmembrane protein, putative (DUF3317)'
6 non-polymer "PYRIDOXAL-5'-PHOSPHATE"
#
loop_
_entity_poly.entity_id
_entity_poly.type
_entity_poly.pdbx_seq_one_letter_code
_entity_poly.pdbx_strand_id
1 'polypeptide(L)'
;PLTEQEIDELCDEWVPEPLIPPITEDMKHEPPVLESAAGPHTTVNGKDVVNFASANYLGLIGHEKLLESCTSALEKYGVG
SCGPRGFYGTIDVHLDCETRISKFLGTPDSILYSYGLSTMFSTIPCFCKKGDVIVADEGVHWGIQNGLQLSRSTIVYFKH
NDMESLRITLEKIMTKYKRSKNLRRYIVAEAVYQNSGQIAPLDEIVKLKEKYRFRVILDESNSFGVLGRSGRGLAEHHSV
PIEKIDVVTAAMGHALATEGGFCTGNARIIDYQRLSSSGYVFSASLPPYLASAAITAIDVIDQNPDMLVKLKQNVALLWK
GLSDIKGMSLTSNRESPIVFLKLEKSSGSAKDDLLLLEKMADRALKEDSLLVVSSKRSFLDKCRLPVGIKLYVSAGHSES
DLLKASESLKRLASELLLKS
;
A
2 'polypeptide(L)'
;MITIPYLTAVSTYFSYGLLFAFGQLRDFFRRFIDWWFTSNLQGYAPICLGHEDFYIRRLYHRIQDCFERPISSAPDAWFD
VVERYSNDNNKTLKRTTKTSRCLNLGSYNYLGFGSFDEYCTPRVIESLKKFSASTCSSRVDAGTTSVHAELEECVTRFVG
KPAAVVFGMGYATNSAIIPVLIGKGGLIISDSLNHSSIVNGARGSGATIRVFQHNTPSHLERVLREQIAEGQPRTHRPWK
KIIVVVEGIYSMEGEICHLPEVVAICKKYKAYVYLDEAHSIGAIGKTGKGICELLGVDTADVDVMMGTFTKSFGSCGGYI
AGSKELIQYLKHQCPAHLYATSIPTPSAQQIISAIKVILGEDGSNRGAQKLARIRENSNFFRAELQKMGFEVLGDNDSPV
MPIMLYNPAKIPAFSRECLRQKVAVVVVGFPATPLLLARARICISASHSREDLIRALKVISKVGDLSGIKYFPAEPKKIE
QSKNDIKLD
;
B
3 'polypeptide(L)'
;MANLYVKAVPPPDMNRATEWFMYPGVWTTYMLILFFGWLVVLSVSGCSPGMAWTVVNLAHFVVTYHSFHWMKGTPFADDQ
GIYNGLTWWEQMDNGQQLTRNRKFLTLVPVVLYLIASHTTDYRHPWLFLNTLAVMVLVVAKFPNMHKVRIFGINGDK
;
D
4 'polypeptide(L)' MASNLVEMFNAALNWVTMILESPSARVVLFGVPIRGHFFVEGLLGVVIIILLTRKSYKPPKR E
5 'polypeptide(L)' MADYKDDDDKSGPDEVDASGRMNWVQRKIYLYNVTFGLYMLDWWERYLFNSLVVVLMWFVLYNGTRYFSELFQRHLT C
#
loop_
_chem_comp.id
_chem_comp.type
_chem_comp.name
_chem_comp.formula
PLP non-polymer PYRIDOXAL-5'-PHOSPHATE 'C8 H10 N O6 P'
#
# COMPACT_ATOMS: atom_id res chain seq x y z
N PRO A 1 8.15 -42.88 2.97
CA PRO A 1 8.46 -41.48 3.28
C PRO A 1 9.76 -41.35 4.05
N LEU A 2 10.13 -40.12 4.40
CA LEU A 2 11.29 -39.89 5.24
C LEU A 2 10.95 -40.16 6.70
N THR A 3 11.97 -40.44 7.51
CA THR A 3 11.77 -40.54 8.94
C THR A 3 12.29 -39.28 9.64
N GLU A 4 11.83 -39.09 10.88
CA GLU A 4 12.25 -37.93 11.64
C GLU A 4 13.75 -37.93 11.92
N GLN A 5 14.36 -39.11 12.04
CA GLN A 5 15.80 -39.19 12.17
C GLN A 5 16.53 -38.73 10.93
N GLU A 6 16.00 -39.03 9.74
CA GLU A 6 16.68 -38.67 8.51
C GLU A 6 16.70 -37.17 8.29
N ILE A 7 15.60 -36.49 8.65
CA ILE A 7 15.49 -35.06 8.36
C ILE A 7 16.58 -34.29 9.08
N ASP A 8 17.06 -34.82 10.19
CA ASP A 8 18.05 -34.13 11.01
C ASP A 8 19.34 -33.86 10.25
N GLU A 9 19.85 -34.84 9.50
CA GLU A 9 21.09 -34.62 8.78
C GLU A 9 20.86 -33.73 7.55
N LEU A 10 19.78 -33.99 6.80
CA LEU A 10 19.47 -33.14 5.66
C LEU A 10 19.40 -31.67 6.06
N CYS A 11 18.90 -31.39 7.27
CA CYS A 11 18.96 -30.05 7.83
C CYS A 11 20.29 -29.74 8.47
N ASP A 12 21.32 -30.57 8.27
CA ASP A 12 22.60 -30.36 8.92
C ASP A 12 23.75 -30.13 7.94
N GLU A 13 23.85 -30.91 6.86
CA GLU A 13 24.87 -30.59 5.87
C GLU A 13 24.37 -29.71 4.74
N TRP A 14 23.29 -28.98 4.93
CA TRP A 14 22.98 -27.85 4.06
C TRP A 14 23.70 -26.61 4.56
N VAL A 15 24.19 -25.77 3.65
CA VAL A 15 24.86 -24.54 4.06
C VAL A 15 24.50 -23.41 3.09
N PRO A 16 24.01 -22.27 3.59
CA PRO A 16 23.54 -21.21 2.71
C PRO A 16 24.65 -20.25 2.32
N GLU A 17 24.37 -19.43 1.31
CA GLU A 17 25.26 -18.41 0.80
C GLU A 17 25.30 -17.21 1.73
N PRO A 18 26.35 -16.39 1.67
CA PRO A 18 26.38 -15.17 2.48
C PRO A 18 25.31 -14.19 2.03
N LEU A 19 24.83 -13.38 2.97
CA LEU A 19 23.72 -12.47 2.70
C LEU A 19 24.07 -11.50 1.57
N ILE A 20 25.34 -11.12 1.46
CA ILE A 20 25.79 -10.19 0.44
C ILE A 20 27.10 -10.68 -0.15
N PRO A 21 27.37 -10.42 -1.43
CA PRO A 21 28.68 -10.71 -1.98
C PRO A 21 29.75 -9.87 -1.29
N PRO A 22 30.97 -10.37 -1.20
CA PRO A 22 32.01 -9.64 -0.48
C PRO A 22 32.29 -8.28 -1.09
N ILE A 23 32.56 -7.31 -0.25
CA ILE A 23 32.82 -5.96 -0.71
C ILE A 23 34.07 -5.94 -1.51
N THR A 24 34.05 -5.26 -2.64
CA THR A 24 35.24 -5.18 -3.46
C THR A 24 36.01 -3.93 -3.13
N GLU A 25 36.35 -3.15 -4.13
CA GLU A 25 37.11 -1.98 -3.86
C GLU A 25 36.45 -0.80 -4.51
N ASP A 26 35.84 -1.02 -5.66
CA ASP A 26 35.15 0.04 -6.37
C ASP A 26 34.13 0.72 -5.49
N MET A 27 33.32 -0.07 -4.80
CA MET A 27 32.28 0.41 -3.91
C MET A 27 32.46 1.67 -3.07
N LYS A 28 33.65 1.96 -2.57
CA LYS A 28 33.81 3.15 -1.76
C LYS A 28 34.29 4.34 -2.52
N HIS A 29 33.41 5.31 -2.70
CA HIS A 29 33.70 6.55 -3.35
C HIS A 29 32.64 7.44 -2.77
N GLU A 30 33.04 8.37 -1.93
CA GLU A 30 32.13 9.25 -1.23
C GLU A 30 31.50 10.38 -1.94
N PRO A 31 30.25 10.64 -1.65
CA PRO A 31 29.68 11.82 -2.32
C PRO A 31 30.22 13.10 -1.71
N PRO A 32 30.07 14.23 -2.40
CA PRO A 32 30.66 15.48 -1.91
C PRO A 32 29.80 16.16 -0.87
N VAL A 33 29.97 15.81 0.40
CA VAL A 33 29.15 16.37 1.48
C VAL A 33 29.28 17.88 1.47
N LEU A 34 28.17 18.57 1.17
CA LEU A 34 28.17 20.00 0.94
C LEU A 34 27.27 20.71 1.95
N GLU A 35 27.63 21.97 2.25
CA GLU A 35 27.04 22.70 3.36
C GLU A 35 26.54 24.07 2.88
N SER A 36 25.38 24.07 2.23
CA SER A 36 24.65 25.28 1.88
C SER A 36 23.34 24.87 1.24
N ALA A 37 22.56 25.84 0.77
CA ALA A 37 21.48 25.53 -0.15
C ALA A 37 22.07 24.99 -1.44
N ALA A 38 21.46 23.94 -1.97
CA ALA A 38 21.97 23.29 -3.18
C ALA A 38 21.41 24.03 -4.40
N GLY A 39 21.73 25.32 -4.47
CA GLY A 39 21.29 26.13 -5.56
C GLY A 39 22.26 26.07 -6.72
N PRO A 40 22.24 27.07 -7.59
CA PRO A 40 23.24 27.15 -8.65
C PRO A 40 24.67 27.16 -8.12
N HIS A 41 24.99 28.11 -7.26
CA HIS A 41 26.35 28.22 -6.72
C HIS A 41 26.34 27.82 -5.25
N THR A 42 26.53 26.53 -4.99
CA THR A 42 26.59 26.01 -3.64
C THR A 42 28.04 25.96 -3.18
N THR A 43 28.27 25.53 -1.94
CA THR A 43 29.62 25.42 -1.41
C THR A 43 29.82 24.04 -0.81
N VAL A 44 31.00 23.48 -1.01
CA VAL A 44 31.36 22.16 -0.51
C VAL A 44 32.82 22.18 -0.06
N ASN A 45 33.10 21.49 1.05
CA ASN A 45 34.46 21.38 1.59
C ASN A 45 35.09 22.75 1.82
N GLY A 46 34.26 23.77 1.98
CA GLY A 46 34.75 25.11 2.16
C GLY A 46 35.15 25.83 0.90
N LYS A 47 35.07 25.18 -0.26
CA LYS A 47 35.39 25.78 -1.54
C LYS A 47 34.10 26.33 -2.14
N ASP A 48 34.07 26.76 -3.40
CA ASP A 48 32.86 27.34 -3.97
C ASP A 48 32.57 26.77 -5.35
N VAL A 49 31.82 25.67 -5.40
CA VAL A 49 31.56 24.97 -6.66
C VAL A 49 30.42 25.60 -7.43
N VAL A 50 30.25 25.20 -8.68
CA VAL A 50 29.15 25.62 -9.54
C VAL A 50 28.30 24.39 -9.81
N ASN A 51 27.13 24.32 -9.18
CA ASN A 51 26.34 23.10 -9.20
C ASN A 51 25.69 22.87 -10.55
N PHE A 52 25.71 21.61 -11.01
CA PHE A 52 25.08 21.24 -12.27
C PHE A 52 24.33 19.91 -12.17
N ALA A 53 24.22 19.34 -10.98
CA ALA A 53 23.55 18.06 -10.80
C ALA A 53 22.27 18.16 -10.00
N SER A 54 21.81 19.36 -9.66
CA SER A 54 20.59 19.56 -8.91
C SER A 54 19.46 19.89 -9.87
N ALA A 55 18.35 19.19 -9.73
CA ALA A 55 17.29 19.22 -10.73
C ALA A 55 16.24 20.29 -10.40
N ASN A 56 16.66 21.53 -10.27
CA ASN A 56 15.67 22.58 -10.08
C ASN A 56 15.73 23.52 -11.28
N TYR A 57 15.14 23.09 -12.37
CA TYR A 57 15.22 23.79 -13.64
C TYR A 57 14.83 25.26 -13.50
N LEU A 58 13.81 25.57 -12.72
CA LEU A 58 13.27 26.92 -12.63
C LEU A 58 14.02 27.80 -11.65
N GLY A 59 14.94 27.25 -10.88
CA GLY A 59 15.69 28.03 -9.90
C GLY A 59 14.86 28.55 -8.75
N LEU A 60 13.98 27.73 -8.18
CA LEU A 60 13.14 28.13 -7.06
C LEU A 60 13.74 27.78 -5.71
N ILE A 61 14.94 27.20 -5.67
CA ILE A 61 15.58 26.89 -4.39
C ILE A 61 16.13 28.16 -3.78
N GLY A 62 15.76 28.41 -2.53
CA GLY A 62 16.14 29.63 -1.84
C GLY A 62 15.21 30.81 -2.06
N HIS A 63 14.24 30.67 -2.93
CA HIS A 63 13.35 31.78 -3.13
C HIS A 63 12.77 32.15 -1.79
N GLU A 64 12.40 33.39 -1.60
CA GLU A 64 11.96 33.82 -0.27
C GLU A 64 10.51 33.49 0.02
N LYS A 65 9.65 33.47 -1.01
CA LYS A 65 8.25 33.17 -0.77
C LYS A 65 8.08 31.76 -0.24
N LEU A 66 8.83 30.81 -0.79
CA LEU A 66 8.80 29.45 -0.25
C LEU A 66 9.27 29.44 1.20
N LEU A 67 10.31 30.22 1.50
CA LEU A 67 10.82 30.28 2.87
C LEU A 67 9.74 30.75 3.84
N GLU A 68 9.07 31.86 3.51
CA GLU A 68 8.08 32.41 4.44
C GLU A 68 6.87 31.48 4.56
N SER A 69 6.40 30.90 3.45
CA SER A 69 5.26 30.00 3.52
C SER A 69 5.58 28.77 4.35
N CYS A 70 6.76 28.18 4.12
CA CYS A 70 7.16 27.01 4.91
C CYS A 70 7.32 27.38 6.38
N THR A 71 7.84 28.57 6.67
CA THR A 71 7.99 28.99 8.05
C THR A 71 6.63 29.07 8.75
N SER A 72 5.66 29.72 8.12
CA SER A 72 4.35 29.84 8.74
C SER A 72 3.67 28.49 8.92
N ALA A 73 3.73 27.65 7.87
CA ALA A 73 3.10 26.34 7.98
C ALA A 73 3.79 25.49 9.04
N LEU A 74 5.12 25.59 9.14
CA LEU A 74 5.86 24.82 10.14
C LEU A 74 5.51 25.27 11.53
N GLU A 75 5.35 26.58 11.72
CA GLU A 75 4.98 27.09 13.05
C GLU A 75 3.59 26.64 13.46
N LYS A 76 2.63 26.64 12.54
CA LYS A 76 1.26 26.34 12.95
C LYS A 76 0.83 24.89 12.70
N TYR A 77 1.69 24.03 12.17
CA TYR A 77 1.29 22.68 11.81
C TYR A 77 2.19 21.59 12.37
N GLY A 78 3.41 21.89 12.74
CA GLY A 78 4.36 20.86 13.10
C GLY A 78 5.14 20.39 11.89
N VAL A 79 5.75 19.21 12.05
CA VAL A 79 6.65 18.68 11.02
C VAL A 79 6.09 17.41 10.39
N GLY A 80 5.11 16.78 11.01
CA GLY A 80 4.57 15.53 10.49
C GLY A 80 3.06 15.54 10.54
N SER A 81 2.47 14.58 9.83
CA SER A 81 1.01 14.45 9.83
C SER A 81 0.56 13.29 10.72
N CYS A 82 1.43 12.30 10.89
CA CYS A 82 1.37 11.23 11.86
C CYS A 82 0.35 10.15 11.52
N GLY A 83 -0.32 10.19 10.37
CA GLY A 83 -1.26 9.16 10.04
C GLY A 83 -1.53 9.05 8.55
N PRO A 84 -1.86 7.85 8.08
CA PRO A 84 -2.20 7.68 6.67
C PRO A 84 -3.47 8.44 6.33
N ARG A 85 -3.57 8.85 5.07
CA ARG A 85 -4.67 9.71 4.63
C ARG A 85 -6.03 9.07 4.80
N GLY A 86 -6.11 7.75 4.92
CA GLY A 86 -7.38 7.11 5.11
C GLY A 86 -8.03 7.32 6.45
N PHE A 87 -7.24 7.48 7.52
CA PHE A 87 -7.86 7.63 8.84
C PHE A 87 -8.00 9.08 9.26
N TYR A 88 -6.89 9.75 9.54
CA TYR A 88 -6.89 11.14 9.96
C TYR A 88 -5.69 11.91 9.41
N GLY A 89 -5.21 11.52 8.23
CA GLY A 89 -4.06 12.18 7.68
C GLY A 89 -4.34 13.33 6.76
N THR A 90 -5.60 13.69 6.57
CA THR A 90 -6.00 14.70 5.60
C THR A 90 -6.09 16.05 6.29
N ILE A 91 -5.04 16.86 6.17
CA ILE A 91 -5.12 18.24 6.61
C ILE A 91 -5.77 19.04 5.49
N ASP A 92 -6.20 20.27 5.81
CA ASP A 92 -6.87 21.09 4.81
C ASP A 92 -5.92 21.47 3.68
N VAL A 93 -4.64 21.67 4.00
CA VAL A 93 -3.69 22.09 2.99
C VAL A 93 -3.57 21.05 1.89
N HIS A 94 -3.75 19.78 2.22
CA HIS A 94 -3.69 18.76 1.18
C HIS A 94 -4.78 18.95 0.14
N LEU A 95 -6.02 19.18 0.59
CA LEU A 95 -7.12 19.38 -0.35
C LEU A 95 -6.96 20.68 -1.11
N ASP A 96 -6.44 21.72 -0.46
CA ASP A 96 -6.17 22.96 -1.17
C ASP A 96 -5.14 22.76 -2.28
N CYS A 97 -4.08 21.99 -1.99
CA CYS A 97 -3.07 21.72 -3.01
C CYS A 97 -3.65 20.91 -4.16
N GLU A 98 -4.49 19.91 -3.87
CA GLU A 98 -5.09 19.14 -4.94
C GLU A 98 -5.97 20.01 -5.84
N THR A 99 -6.79 20.86 -5.24
CA THR A 99 -7.61 21.77 -6.04
C THR A 99 -6.72 22.70 -6.87
N ARG A 100 -5.62 23.18 -6.29
CA ARG A 100 -4.75 24.09 -7.02
C ARG A 100 -4.10 23.42 -8.22
N ILE A 101 -3.61 22.20 -8.04
CA ILE A 101 -3.01 21.49 -9.19
C ILE A 101 -4.05 21.26 -10.27
N SER A 102 -5.25 20.83 -9.88
CA SER A 102 -6.30 20.57 -10.87
C SER A 102 -6.63 21.84 -11.64
N LYS A 103 -6.72 22.97 -10.94
CA LYS A 103 -6.98 24.23 -11.63
C LYS A 103 -5.82 24.60 -12.55
N PHE A 104 -4.59 24.31 -12.14
CA PHE A 104 -3.45 24.61 -13.00
C PHE A 104 -3.52 23.86 -14.32
N LEU A 105 -3.45 22.53 -14.25
CA LEU A 105 -3.44 21.77 -15.49
C LEU A 105 -4.76 21.91 -16.25
N GLY A 106 -5.87 21.78 -15.54
CA GLY A 106 -7.19 21.78 -16.16
C GLY A 106 -7.69 20.35 -16.24
N THR A 107 -8.49 19.94 -15.27
CA THR A 107 -8.87 18.55 -15.07
C THR A 107 -9.89 18.50 -13.95
N PRO A 108 -10.84 17.56 -13.97
CA PRO A 108 -11.80 17.49 -12.86
C PRO A 108 -11.17 17.37 -11.48
N ASP A 109 -10.37 16.34 -11.22
CA ASP A 109 -9.86 16.12 -9.87
C ASP A 109 -8.43 15.60 -9.95
N SER A 110 -7.77 15.59 -8.79
CA SER A 110 -6.35 15.25 -8.70
C SER A 110 -6.14 14.36 -7.48
N ILE A 111 -4.88 14.15 -7.13
CA ILE A 111 -4.51 13.32 -5.99
C ILE A 111 -3.05 13.59 -5.66
N LEU A 112 -2.68 13.38 -4.40
CA LEU A 112 -1.31 13.62 -3.95
C LEU A 112 -0.69 12.36 -3.37
N TYR A 113 0.60 12.19 -3.62
CA TYR A 113 1.36 11.06 -3.13
C TYR A 113 2.52 11.57 -2.28
N SER A 114 2.98 10.71 -1.37
CA SER A 114 3.94 11.17 -0.37
C SER A 114 5.38 11.14 -0.87
N TYR A 115 5.67 10.33 -1.89
CA TYR A 115 7.03 10.18 -2.38
C TYR A 115 7.06 10.11 -3.90
N GLY A 116 8.18 10.52 -4.49
CA GLY A 116 8.25 10.66 -5.94
C GLY A 116 8.12 9.36 -6.70
N LEU A 117 8.92 8.36 -6.35
CA LEU A 117 8.87 7.05 -7.01
C LEU A 117 7.62 6.28 -6.74
N SER A 118 6.97 6.73 -5.72
CA SER A 118 5.83 6.11 -5.29
C SER A 118 4.81 6.22 -6.29
N THR A 119 4.61 7.39 -6.88
CA THR A 119 3.55 7.56 -7.84
C THR A 119 3.59 6.58 -8.92
N MET A 120 4.72 6.44 -9.56
CA MET A 120 4.89 5.50 -10.64
C MET A 120 4.52 4.14 -10.25
N PHE A 121 5.18 3.64 -9.21
CA PHE A 121 4.79 2.30 -8.94
C PHE A 121 3.38 2.04 -8.49
N SER A 122 2.80 2.88 -7.66
CA SER A 122 1.45 2.59 -7.25
C SER A 122 0.50 2.73 -8.39
N THR A 123 0.71 3.72 -9.21
CA THR A 123 -0.19 3.90 -10.27
C THR A 123 -0.20 2.81 -11.27
N ILE A 124 0.96 2.31 -11.64
CA ILE A 124 0.87 1.29 -12.65
C ILE A 124 0.25 0.07 -12.15
N PRO A 125 0.61 -0.42 -10.96
CA PRO A 125 -0.19 -1.56 -10.53
C PRO A 125 -1.65 -1.37 -10.26
N CYS A 126 -2.09 -0.17 -9.97
CA CYS A 126 -3.49 -0.02 -9.82
C CYS A 126 -4.18 -0.16 -11.17
N PHE A 127 -3.58 0.31 -12.26
CA PHE A 127 -4.31 0.20 -13.56
C PHE A 127 -4.31 -0.90 -14.60
N CYS A 128 -3.57 -1.95 -14.42
CA CYS A 128 -3.49 -3.13 -15.26
C CYS A 128 -3.32 -4.38 -14.42
N LYS A 129 -4.20 -5.35 -14.64
CA LYS A 129 -4.28 -6.60 -13.93
C LYS A 129 -3.60 -7.73 -14.71
N LYS A 130 -3.84 -8.97 -14.31
CA LYS A 130 -3.12 -10.13 -14.84
C LYS A 130 -3.17 -10.24 -16.36
N GLY A 131 -4.31 -9.94 -16.97
CA GLY A 131 -4.51 -10.26 -18.37
C GLY A 131 -4.34 -9.16 -19.38
N ASP A 132 -3.90 -7.97 -18.97
CA ASP A 132 -3.88 -6.84 -19.88
C ASP A 132 -2.66 -6.92 -20.79
N VAL A 133 -2.47 -5.87 -21.59
CA VAL A 133 -1.34 -5.74 -22.50
C VAL A 133 -0.77 -4.34 -22.33
N ILE A 134 0.55 -4.24 -22.22
CA ILE A 134 1.23 -2.96 -22.04
C ILE A 134 2.34 -2.86 -23.06
N VAL A 135 2.38 -1.74 -23.78
CA VAL A 135 3.45 -1.49 -24.73
C VAL A 135 4.40 -0.44 -24.16
N ALA A 136 5.45 -0.89 -23.48
CA ALA A 136 6.35 0.03 -22.79
C ALA A 136 7.29 0.69 -23.79
N ASP A 137 8.35 1.29 -23.29
CA ASP A 137 9.20 2.13 -24.12
C ASP A 137 10.70 1.85 -24.02
N GLU A 138 11.12 0.90 -23.19
CA GLU A 138 12.50 0.42 -23.17
C GLU A 138 13.47 1.44 -22.60
N GLY A 139 13.01 2.67 -22.37
CA GLY A 139 13.87 3.70 -21.83
C GLY A 139 13.34 4.18 -20.49
N VAL A 140 12.30 3.51 -20.01
CA VAL A 140 11.67 3.91 -18.76
C VAL A 140 12.62 3.63 -17.60
N HIS A 141 12.74 4.60 -16.70
CA HIS A 141 13.64 4.47 -15.55
C HIS A 141 13.13 3.41 -14.60
N TRP A 142 13.86 3.22 -13.49
CA TRP A 142 13.54 2.12 -12.59
C TRP A 142 12.16 2.25 -11.99
N GLY A 143 11.73 3.46 -11.65
CA GLY A 143 10.44 3.62 -11.02
C GLY A 143 9.32 3.01 -11.84
N ILE A 144 9.35 3.26 -13.16
CA ILE A 144 8.30 2.76 -14.04
C ILE A 144 8.40 1.26 -14.20
N GLN A 145 9.62 0.74 -14.37
CA GLN A 145 9.77 -0.67 -14.66
C GLN A 145 9.76 -1.53 -13.41
N ASN A 146 9.56 -0.93 -12.24
CA ASN A 146 9.19 -1.73 -11.08
C ASN A 146 7.68 -1.94 -11.03
N GLY A 147 6.92 -0.89 -11.31
CA GLY A 147 5.48 -1.04 -11.45
C GLY A 147 5.08 -1.96 -12.58
N LEU A 148 5.79 -1.88 -13.72
CA LEU A 148 5.52 -2.81 -14.80
C LEU A 148 5.69 -4.24 -14.37
N GLN A 149 6.69 -4.52 -13.52
CA GLN A 149 6.86 -5.88 -13.02
C GLN A 149 5.80 -6.26 -11.99
N LEU A 150 5.41 -5.34 -11.12
CA LEU A 150 4.48 -5.67 -10.05
C LEU A 150 3.12 -6.06 -10.60
N SER A 151 2.67 -5.40 -11.67
CA SER A 151 1.38 -5.71 -12.28
C SER A 151 1.58 -6.80 -13.31
N ARG A 152 1.22 -8.03 -12.95
CA ARG A 152 1.65 -9.21 -13.70
C ARG A 152 0.88 -9.30 -15.01
N SER A 153 1.18 -8.36 -15.89
CA SER A 153 0.58 -8.25 -17.21
C SER A 153 1.61 -8.67 -18.26
N THR A 154 1.26 -8.49 -19.52
CA THR A 154 2.13 -8.88 -20.64
C THR A 154 2.76 -7.61 -21.21
N ILE A 155 4.08 -7.49 -21.07
CA ILE A 155 4.81 -6.29 -21.43
C ILE A 155 5.53 -6.54 -22.75
N VAL A 156 5.42 -5.60 -23.68
CA VAL A 156 6.02 -5.71 -25.00
C VAL A 156 6.72 -4.40 -25.32
N TYR A 157 8.05 -4.40 -25.30
CA TYR A 157 8.83 -3.19 -25.47
C TYR A 157 8.98 -2.84 -26.94
N PHE A 158 9.31 -1.58 -27.20
CA PHE A 158 9.64 -1.16 -28.55
C PHE A 158 10.83 -0.20 -28.49
N LYS A 159 11.36 0.12 -29.67
CA LYS A 159 12.61 0.86 -29.74
C LYS A 159 12.47 2.24 -29.12
N HIS A 160 13.57 2.75 -28.57
CA HIS A 160 13.58 4.05 -27.94
C HIS A 160 13.22 5.15 -28.93
N ASN A 161 12.07 5.79 -28.72
CA ASN A 161 11.60 6.90 -29.56
C ASN A 161 11.55 6.54 -31.04
N ASP A 162 11.03 5.37 -31.36
CA ASP A 162 10.83 4.93 -32.73
C ASP A 162 9.34 4.70 -32.92
N MET A 163 8.73 5.44 -33.84
CA MET A 163 7.29 5.32 -34.06
C MET A 163 6.97 4.23 -35.06
N GLU A 164 7.90 3.92 -35.97
CA GLU A 164 7.72 2.79 -36.87
C GLU A 164 7.60 1.49 -36.08
N SER A 165 8.48 1.32 -35.09
CA SER A 165 8.37 0.15 -34.24
C SER A 165 7.11 0.17 -33.40
N LEU A 166 6.64 1.36 -33.00
CA LEU A 166 5.39 1.44 -32.27
C LEU A 166 4.23 0.95 -33.12
N ARG A 167 4.17 1.40 -34.37
CA ARG A 167 3.11 0.95 -35.27
C ARG A 167 3.19 -0.55 -35.52
N ILE A 168 4.40 -1.06 -35.75
CA ILE A 168 4.57 -2.49 -35.99
C ILE A 168 4.13 -3.31 -34.79
N THR A 169 4.53 -2.88 -33.59
CA THR A 169 4.13 -3.60 -32.39
C THR A 169 2.63 -3.56 -32.18
N LEU A 170 2.00 -2.41 -32.44
CA LEU A 170 0.56 -2.32 -32.27
C LEU A 170 -0.17 -3.25 -33.23
N GLU A 171 0.26 -3.28 -34.49
CA GLU A 171 -0.39 -4.17 -35.45
C GLU A 171 -0.20 -5.63 -35.08
N LYS A 172 1.00 -5.98 -34.62
CA LYS A 172 1.21 -7.36 -34.17
C LYS A 172 0.30 -7.69 -33.00
N ILE A 173 0.15 -6.76 -32.06
CA ILE A 173 -0.72 -7.01 -30.91
C ILE A 173 -2.15 -7.22 -31.36
N MET A 174 -2.63 -6.40 -32.29
CA MET A 174 -3.99 -6.61 -32.81
C MET A 174 -4.13 -7.98 -33.47
N THR A 175 -3.10 -8.43 -34.18
CA THR A 175 -3.17 -9.76 -34.76
C THR A 175 -3.22 -10.84 -33.69
N LYS A 176 -2.43 -10.69 -32.63
CA LYS A 176 -2.29 -11.77 -31.65
C LYS A 176 -3.57 -12.05 -30.88
N TYR A 177 -4.26 -11.01 -30.44
CA TYR A 177 -5.39 -11.13 -29.52
C TYR A 177 -6.70 -10.75 -30.20
N LYS A 178 -6.88 -11.15 -31.45
CA LYS A 178 -8.06 -10.74 -32.21
C LYS A 178 -9.34 -11.31 -31.60
N ARG A 179 -9.34 -12.61 -31.34
CA ARG A 179 -10.54 -13.28 -30.84
C ARG A 179 -11.11 -12.68 -29.57
N SER A 180 -10.44 -12.94 -28.46
CA SER A 180 -10.87 -12.39 -27.21
C SER A 180 -10.89 -10.92 -27.44
N LYS A 181 -11.92 -10.26 -26.96
CA LYS A 181 -11.97 -8.85 -27.17
C LYS A 181 -12.43 -8.06 -25.97
N ASN A 182 -11.66 -8.09 -24.91
CA ASN A 182 -12.06 -7.35 -23.75
C ASN A 182 -10.93 -6.58 -23.13
N LEU A 183 -9.74 -7.14 -23.21
CA LEU A 183 -8.56 -6.53 -22.64
C LEU A 183 -8.32 -5.09 -22.93
N ARG A 184 -7.77 -4.41 -21.95
CA ARG A 184 -7.46 -3.02 -22.11
C ARG A 184 -6.04 -2.92 -22.59
N ARG A 185 -5.71 -1.88 -23.32
CA ARG A 185 -4.38 -1.80 -23.84
C ARG A 185 -3.66 -0.51 -23.51
N TYR A 186 -2.63 -0.54 -22.71
CA TYR A 186 -2.02 0.73 -22.37
C TYR A 186 -0.73 0.95 -23.16
N ILE A 187 -0.24 2.19 -23.16
CA ILE A 187 1.04 2.54 -23.75
C ILE A 187 1.80 3.41 -22.76
N VAL A 188 2.65 2.79 -21.95
CA VAL A 188 3.40 3.55 -20.95
C VAL A 188 4.54 4.28 -21.65
N ALA A 189 4.54 5.61 -21.52
CA ALA A 189 5.57 6.43 -22.13
C ALA A 189 6.16 7.40 -21.09
N GLU A 190 6.95 8.36 -21.55
CA GLU A 190 7.55 9.33 -20.65
C GLU A 190 7.84 10.62 -21.42
N ALA A 191 7.59 11.77 -20.79
CA ALA A 191 7.78 13.03 -21.50
C ALA A 191 9.23 13.26 -21.88
N VAL A 192 10.09 13.42 -20.88
CA VAL A 192 11.53 13.62 -21.09
C VAL A 192 12.25 12.57 -20.27
N TYR A 193 13.10 11.78 -20.92
CA TYR A 193 13.70 10.63 -20.27
C TYR A 193 14.88 11.05 -19.41
N GLN A 194 15.08 10.35 -18.30
CA GLN A 194 16.26 10.58 -17.48
C GLN A 194 17.49 9.96 -18.10
N ASN A 195 17.34 8.80 -18.72
CA ASN A 195 18.48 8.05 -19.24
C ASN A 195 19.02 8.58 -20.55
N SER A 196 18.22 9.32 -21.32
CA SER A 196 18.67 9.78 -22.62
C SER A 196 18.40 11.26 -22.83
N GLY A 197 17.40 11.79 -22.14
CA GLY A 197 17.10 13.21 -22.26
C GLY A 197 16.56 13.66 -23.59
N GLN A 198 15.65 12.91 -24.19
CA GLN A 198 15.01 13.30 -25.44
C GLN A 198 13.49 13.26 -25.28
N ILE A 199 12.82 14.15 -26.00
CA ILE A 199 11.40 14.42 -25.83
C ILE A 199 10.59 13.45 -26.67
N ALA A 200 9.57 12.84 -26.06
CA ALA A 200 8.69 11.96 -26.82
C ALA A 200 7.78 12.77 -27.73
N PRO A 201 7.60 12.33 -28.99
CA PRO A 201 6.66 13.03 -29.87
C PRO A 201 5.23 12.57 -29.65
N LEU A 202 4.37 13.47 -29.18
CA LEU A 202 3.07 13.02 -28.69
C LEU A 202 2.01 13.06 -29.79
N ASP A 203 2.21 13.87 -30.82
CA ASP A 203 1.25 13.89 -31.93
C ASP A 203 1.07 12.49 -32.53
N GLU A 204 2.18 11.84 -32.87
CA GLU A 204 2.10 10.55 -33.53
C GLU A 204 1.62 9.47 -32.57
N ILE A 205 2.02 9.55 -31.29
CA ILE A 205 1.52 8.59 -30.32
C ILE A 205 0.00 8.69 -30.21
N VAL A 206 -0.52 9.91 -30.19
CA VAL A 206 -1.96 10.10 -30.16
C VAL A 206 -2.61 9.51 -31.40
N LYS A 207 -2.03 9.79 -32.58
CA LYS A 207 -2.64 9.31 -33.81
C LYS A 207 -2.71 7.78 -33.84
N LEU A 208 -1.63 7.12 -33.43
CA LEU A 208 -1.66 5.65 -33.42
C LEU A 208 -2.54 5.13 -32.30
N LYS A 209 -2.70 5.89 -31.23
CA LYS A 209 -3.60 5.44 -30.15
C LYS A 209 -5.05 5.45 -30.60
N GLU A 210 -5.44 6.47 -31.36
CA GLU A 210 -6.82 6.56 -31.81
C GLU A 210 -7.17 5.39 -32.73
N LYS A 211 -6.25 5.03 -33.62
CA LYS A 211 -6.58 4.04 -34.64
C LYS A 211 -6.71 2.64 -34.06
N TYR A 212 -6.12 2.40 -32.89
CA TYR A 212 -6.08 1.05 -32.33
C TYR A 212 -6.64 0.97 -30.91
N ARG A 213 -7.34 2.01 -30.45
CA ARG A 213 -8.08 1.98 -29.18
C ARG A 213 -7.19 1.57 -28.00
N PHE A 214 -6.03 2.19 -27.87
CA PHE A 214 -5.14 1.99 -26.74
C PHE A 214 -5.34 3.11 -25.72
N ARG A 215 -4.56 3.07 -24.64
CA ARG A 215 -4.59 4.11 -23.63
C ARG A 215 -3.17 4.48 -23.24
N VAL A 216 -2.98 5.72 -22.80
CA VAL A 216 -1.66 6.23 -22.47
C VAL A 216 -1.55 6.40 -20.97
N ILE A 217 -0.33 6.25 -20.43
CA ILE A 217 -0.03 6.57 -19.05
C ILE A 217 1.27 7.37 -19.09
N LEU A 218 1.17 8.69 -19.12
CA LEU A 218 2.32 9.53 -19.38
C LEU A 218 2.92 10.01 -18.05
N ASP A 219 4.24 9.89 -17.92
CA ASP A 219 4.97 10.38 -16.75
C ASP A 219 5.71 11.66 -17.08
N GLU A 220 5.01 12.79 -17.00
CA GLU A 220 5.64 14.06 -17.32
C GLU A 220 6.05 14.75 -16.01
N SER A 221 7.20 14.34 -15.49
CA SER A 221 7.79 14.99 -14.33
C SER A 221 8.97 15.89 -14.69
N ASN A 222 9.62 15.62 -15.82
CA ASN A 222 10.71 16.46 -16.29
C ASN A 222 10.25 17.45 -17.35
N SER A 223 8.95 17.59 -17.55
CA SER A 223 8.41 18.55 -18.50
C SER A 223 7.39 19.49 -17.86
N PHE A 224 6.70 19.03 -16.83
CA PHE A 224 5.72 19.87 -16.14
C PHE A 224 6.39 21.14 -15.62
N GLY A 225 5.98 22.27 -16.17
CA GLY A 225 6.46 23.55 -15.69
C GLY A 225 7.76 24.02 -16.29
N VAL A 226 8.38 23.23 -17.17
CA VAL A 226 9.62 23.64 -17.82
C VAL A 226 9.45 23.68 -19.33
N LEU A 227 8.73 22.69 -19.88
CA LEU A 227 8.77 22.47 -21.32
C LEU A 227 7.85 23.42 -22.07
N GLY A 228 6.58 23.47 -21.68
CA GLY A 228 5.57 24.12 -22.50
C GLY A 228 5.82 25.61 -22.70
N ARG A 229 4.94 26.22 -23.51
CA ARG A 229 5.02 27.66 -23.73
C ARG A 229 4.65 28.45 -22.48
N SER A 230 3.81 27.88 -21.63
CA SER A 230 3.45 28.50 -20.36
C SER A 230 3.81 27.64 -19.16
N GLY A 231 4.28 26.42 -19.37
CA GLY A 231 4.58 25.52 -18.29
C GLY A 231 3.56 24.43 -18.06
N ARG A 232 2.58 24.27 -18.95
CA ARG A 232 1.54 23.28 -18.70
C ARG A 232 2.03 21.85 -18.92
N GLY A 233 2.99 21.64 -19.82
CA GLY A 233 3.54 20.32 -19.99
C GLY A 233 3.90 20.04 -21.43
N LEU A 234 3.86 18.75 -21.78
CA LEU A 234 4.14 18.34 -23.15
C LEU A 234 2.98 18.68 -24.08
N ALA A 235 1.76 18.72 -23.53
CA ALA A 235 0.59 18.97 -24.35
C ALA A 235 0.68 20.32 -25.05
N GLU A 236 1.17 21.30 -24.32
CA GLU A 236 1.30 22.58 -24.93
C GLU A 236 2.25 22.41 -26.06
N HIS A 237 3.40 21.84 -25.78
CA HIS A 237 4.47 21.68 -26.76
C HIS A 237 4.04 21.09 -28.04
N HIS A 238 3.32 20.02 -27.95
CA HIS A 238 2.83 19.41 -29.13
C HIS A 238 1.36 19.69 -29.34
N SER A 239 0.89 20.73 -28.68
CA SER A 239 -0.44 21.28 -28.80
C SER A 239 -1.55 20.30 -29.02
N VAL A 240 -1.89 19.56 -28.01
CA VAL A 240 -2.99 18.64 -28.19
C VAL A 240 -3.87 18.81 -26.99
N PRO A 241 -5.18 18.82 -27.22
CA PRO A 241 -6.26 18.92 -26.25
C PRO A 241 -5.89 18.01 -25.15
N ILE A 242 -5.68 18.50 -23.96
CA ILE A 242 -5.23 17.62 -22.92
C ILE A 242 -6.09 16.53 -22.34
N GLU A 243 -7.26 16.20 -22.87
CA GLU A 243 -7.96 15.04 -22.35
C GLU A 243 -7.68 13.86 -23.27
N LYS A 244 -6.83 14.03 -24.26
CA LYS A 244 -6.47 12.94 -25.10
C LYS A 244 -5.76 12.00 -24.17
N ILE A 245 -4.78 12.46 -23.43
CA ILE A 245 -4.10 11.58 -22.51
C ILE A 245 -5.04 11.08 -21.46
N ASP A 246 -4.84 9.88 -21.00
CA ASP A 246 -5.76 9.32 -20.01
C ASP A 246 -5.26 9.46 -18.58
N VAL A 247 -3.95 9.34 -18.36
CA VAL A 247 -3.36 9.55 -17.05
C VAL A 247 -2.11 10.39 -17.22
N VAL A 248 -1.93 11.38 -16.35
CA VAL A 248 -0.75 12.23 -16.37
C VAL A 248 -0.17 12.24 -14.97
N THR A 249 1.11 11.88 -14.84
CA THR A 249 1.76 11.80 -13.56
C THR A 249 2.97 12.71 -13.53
N ALA A 250 3.32 13.18 -12.35
CA ALA A 250 4.52 13.98 -12.19
C ALA A 250 5.06 13.80 -10.78
N ALA A 251 6.31 14.18 -10.61
CA ALA A 251 6.94 14.26 -9.30
C ALA A 251 7.38 15.69 -9.06
N MET A 252 7.12 16.18 -7.85
CA MET A 252 7.35 17.58 -7.53
C MET A 252 8.74 17.83 -6.98
N GLY A 253 9.60 16.82 -7.03
CA GLY A 253 10.96 17.00 -6.55
C GLY A 253 11.76 17.98 -7.40
N HIS A 254 11.49 18.00 -8.70
CA HIS A 254 12.37 18.74 -9.62
C HIS A 254 12.06 20.22 -9.75
N ALA A 255 10.90 20.58 -10.29
CA ALA A 255 10.66 21.99 -10.59
C ALA A 255 10.18 22.73 -9.36
N LEU A 256 9.20 22.17 -8.66
CA LEU A 256 8.54 22.82 -7.53
C LEU A 256 9.41 22.87 -6.28
N ALA A 257 10.52 22.13 -6.26
CA ALA A 257 11.41 22.09 -5.11
C ALA A 257 10.70 21.64 -3.84
N THR A 258 9.77 20.68 -3.97
CA THR A 258 9.14 20.06 -2.81
C THR A 258 9.23 18.56 -3.03
N GLU A 259 8.55 17.74 -2.24
CA GLU A 259 8.63 16.30 -2.42
C GLU A 259 7.23 15.76 -2.65
N GLY A 260 7.17 14.50 -3.04
CA GLY A 260 5.90 13.88 -3.39
C GLY A 260 5.50 14.20 -4.82
N GLY A 261 4.47 13.49 -5.28
CA GLY A 261 4.02 13.66 -6.64
C GLY A 261 2.52 13.46 -6.73
N PHE A 262 1.98 13.81 -7.90
CA PHE A 262 0.53 13.78 -8.08
C PHE A 262 0.20 12.90 -9.26
N CYS A 263 -1.10 12.65 -9.45
CA CYS A 263 -1.60 11.82 -10.53
C CYS A 263 -2.92 12.39 -11.01
N THR A 264 -2.90 13.11 -12.11
CA THR A 264 -4.04 13.88 -12.59
C THR A 264 -4.80 13.12 -13.67
N GLY A 265 -6.13 13.20 -13.60
CA GLY A 265 -6.99 12.56 -14.56
C GLY A 265 -8.44 12.82 -14.22
N ASN A 266 -9.34 12.27 -15.01
CA ASN A 266 -10.74 12.48 -14.78
C ASN A 266 -11.24 11.73 -13.59
N ALA A 267 -12.36 12.25 -13.10
CA ALA A 267 -13.05 11.76 -11.97
C ALA A 267 -13.05 10.28 -11.70
N ARG A 268 -13.48 9.51 -12.68
CA ARG A 268 -13.60 8.06 -12.54
C ARG A 268 -12.35 7.43 -12.02
N ILE A 269 -11.32 7.67 -12.80
CA ILE A 269 -10.00 7.21 -12.56
C ILE A 269 -9.59 7.62 -11.20
N ILE A 270 -9.69 8.92 -10.95
CA ILE A 270 -9.29 9.40 -9.67
C ILE A 270 -9.95 8.75 -8.50
N ASP A 271 -11.26 8.57 -8.49
CA ASP A 271 -11.85 7.94 -7.32
C ASP A 271 -11.40 6.54 -7.14
N TYR A 272 -11.29 5.84 -8.25
CA TYR A 272 -10.82 4.48 -8.21
C TYR A 272 -9.53 4.39 -7.53
N GLN A 273 -8.61 5.19 -8.01
CA GLN A 273 -7.32 5.24 -7.47
C GLN A 273 -7.32 5.52 -6.04
N ARG A 274 -8.00 6.56 -5.67
CA ARG A 274 -8.07 6.95 -4.30
C ARG A 274 -8.47 5.89 -3.33
N LEU A 275 -9.45 5.06 -3.66
CA LEU A 275 -9.82 4.07 -2.67
C LEU A 275 -9.11 2.78 -2.71
N SER A 276 -8.42 2.47 -3.79
CA SER A 276 -7.81 1.14 -3.89
C SER A 276 -6.40 1.19 -4.46
N SER A 277 -5.61 2.17 -4.04
CA SER A 277 -4.19 2.18 -4.35
C SER A 277 -3.46 1.43 -3.23
N SER A 278 -2.14 1.48 -3.20
CA SER A 278 -1.40 0.80 -2.15
C SER A 278 -0.38 1.71 -1.48
N GLY A 279 0.19 2.63 -2.25
CA GLY A 279 1.13 3.57 -1.69
C GLY A 279 0.43 4.82 -1.19
N TYR A 280 -0.90 4.75 -1.17
CA TYR A 280 -1.74 5.86 -0.74
C TYR A 280 -2.59 5.50 0.47
N VAL A 281 -3.12 4.27 0.51
CA VAL A 281 -4.01 3.89 1.60
C VAL A 281 -3.23 3.38 2.79
N PHE A 282 -1.95 3.02 2.58
CA PHE A 282 -1.15 2.45 3.64
C PHE A 282 -0.06 3.37 4.17
N SER A 283 0.42 4.31 3.36
CA SER A 283 1.54 5.14 3.76
C SER A 283 1.06 6.45 4.39
N ALA A 284 1.96 7.11 5.10
CA ALA A 284 1.64 8.39 5.70
C ALA A 284 1.50 9.46 4.63
N SER A 285 1.02 10.63 5.05
CA SER A 285 0.77 11.70 4.12
C SER A 285 1.94 12.68 4.11
N LEU A 286 1.92 13.60 3.15
CA LEU A 286 2.96 14.61 3.09
C LEU A 286 2.92 15.51 4.32
N PRO A 287 4.07 15.85 4.88
CA PRO A 287 4.11 16.92 5.88
C PRO A 287 3.54 18.20 5.32
N PRO A 288 2.70 18.90 6.06
CA PRO A 288 1.97 20.04 5.49
C PRO A 288 2.84 21.17 4.97
N TYR A 289 4.05 21.35 5.50
CA TYR A 289 4.87 22.45 4.98
C TYR A 289 5.34 22.16 3.56
N LEU A 290 5.48 20.90 3.18
CA LEU A 290 5.80 20.58 1.80
C LEU A 290 4.66 20.96 0.86
N ALA A 291 3.42 20.67 1.25
CA ALA A 291 2.27 21.05 0.45
C ALA A 291 2.15 22.56 0.34
N SER A 292 2.40 23.28 1.44
CA SER A 292 2.39 24.74 1.39
C SER A 292 3.43 25.27 0.42
N ALA A 293 4.64 24.73 0.47
CA ALA A 293 5.67 25.14 -0.47
C ALA A 293 5.25 24.84 -1.90
N ALA A 294 4.58 23.70 -2.12
CA ALA A 294 4.14 23.35 -3.45
C ALA A 294 3.15 24.35 -4.01
N ILE A 295 2.16 24.74 -3.21
CA ILE A 295 1.19 25.73 -3.68
C ILE A 295 1.88 27.04 -4.01
N THR A 296 2.78 27.48 -3.14
CA THR A 296 3.48 28.74 -3.40
C THR A 296 4.29 28.66 -4.69
N ALA A 297 4.98 27.54 -4.91
CA ALA A 297 5.78 27.39 -6.12
C ALA A 297 4.91 27.37 -7.36
N ILE A 298 3.75 26.72 -7.28
CA ILE A 298 2.86 26.67 -8.44
C ILE A 298 2.39 28.07 -8.82
N ASP A 299 2.02 28.88 -7.83
CA ASP A 299 1.57 30.22 -8.20
C ASP A 299 2.72 31.07 -8.73
N VAL A 300 3.92 30.91 -8.16
CA VAL A 300 5.08 31.65 -8.66
C VAL A 300 5.37 31.29 -10.11
N ILE A 301 5.31 30.00 -10.44
CA ILE A 301 5.47 29.58 -11.82
C ILE A 301 4.39 30.20 -12.68
N ASP A 302 3.14 30.17 -12.21
CA ASP A 302 2.03 30.63 -13.04
C ASP A 302 2.12 32.10 -13.36
N GLN A 303 2.67 32.90 -12.46
CA GLN A 303 2.65 34.35 -12.63
C GLN A 303 3.99 34.93 -13.05
N ASN A 304 4.95 34.11 -13.47
CA ASN A 304 6.29 34.59 -13.84
C ASN A 304 6.84 33.82 -15.03
N PRO A 305 6.39 34.10 -16.25
CA PRO A 305 6.81 33.32 -17.43
C PRO A 305 8.21 33.60 -18.01
N ASP A 306 8.73 34.71 -17.54
CA ASP A 306 10.03 35.13 -17.98
C ASP A 306 11.10 34.11 -17.67
N MET A 307 11.07 33.46 -16.53
CA MET A 307 12.07 32.47 -16.27
C MET A 307 12.00 31.32 -17.25
N LEU A 308 10.82 30.89 -17.67
CA LEU A 308 10.70 29.82 -18.64
C LEU A 308 11.46 30.19 -19.86
N VAL A 309 11.18 31.38 -20.38
CA VAL A 309 11.92 31.77 -21.57
C VAL A 309 13.43 31.83 -21.39
N LYS A 310 13.82 32.36 -20.24
CA LYS A 310 15.21 32.47 -19.90
C LYS A 310 15.87 31.12 -19.89
N LEU A 311 15.22 30.14 -19.30
CA LEU A 311 15.74 28.82 -19.25
C LEU A 311 16.00 28.30 -20.61
N LYS A 312 15.05 28.46 -21.52
CA LYS A 312 15.33 27.97 -22.86
C LYS A 312 16.54 28.59 -23.44
N GLN A 313 16.69 29.91 -23.33
CA GLN A 313 17.93 30.47 -23.87
C GLN A 313 19.19 29.95 -23.21
N ASN A 314 19.16 29.73 -21.92
CA ASN A 314 20.33 29.23 -21.26
C ASN A 314 20.72 27.91 -21.84
N VAL A 315 19.79 27.00 -22.04
CA VAL A 315 20.20 25.73 -22.64
C VAL A 315 20.75 25.90 -24.00
N ALA A 316 20.14 26.78 -24.79
CA ALA A 316 20.64 27.08 -26.09
C ALA A 316 22.10 27.46 -26.04
N LEU A 317 22.42 28.41 -25.20
CA LEU A 317 23.79 28.81 -25.06
C LEU A 317 24.71 27.66 -24.69
N LEU A 318 24.31 26.80 -23.76
CA LEU A 318 25.19 25.70 -23.43
C LEU A 318 25.45 24.81 -24.62
N TRP A 319 24.41 24.51 -25.40
CA TRP A 319 24.61 23.71 -26.59
C TRP A 319 25.58 24.35 -27.50
N LYS A 320 25.40 25.63 -27.74
CA LYS A 320 26.33 26.39 -28.56
C LYS A 320 27.77 26.22 -28.14
N GLY A 321 28.04 26.32 -26.86
CA GLY A 321 29.40 26.11 -26.43
C GLY A 321 29.91 24.67 -26.56
N LEU A 322 29.12 23.69 -26.17
CA LEU A 322 29.62 22.32 -26.25
C LEU A 322 29.60 21.70 -27.60
N SER A 323 29.09 22.40 -28.57
CA SER A 323 28.96 21.87 -29.92
C SER A 323 30.25 21.22 -30.40
N ASP A 324 31.39 21.88 -30.17
CA ASP A 324 32.67 21.42 -30.69
C ASP A 324 33.45 20.69 -29.59
N ILE A 325 33.10 19.43 -29.40
CA ILE A 325 33.78 18.56 -28.44
C ILE A 325 34.18 17.29 -29.15
N LYS A 326 35.43 16.88 -28.99
CA LYS A 326 35.99 15.81 -29.81
C LYS A 326 35.61 14.43 -29.30
N GLY A 327 36.02 14.09 -28.08
CA GLY A 327 35.97 12.71 -27.64
C GLY A 327 34.58 12.12 -27.59
N MET A 328 33.59 12.93 -27.23
CA MET A 328 32.27 12.43 -26.88
C MET A 328 31.21 13.45 -27.31
N SER A 329 30.00 12.98 -27.59
CA SER A 329 29.05 13.73 -28.41
C SER A 329 27.69 13.87 -27.75
N LEU A 330 27.04 15.01 -27.97
CA LEU A 330 25.71 15.27 -27.45
C LEU A 330 24.69 14.36 -28.14
N THR A 331 23.72 13.85 -27.38
CA THR A 331 22.68 13.00 -27.94
C THR A 331 21.29 13.32 -27.40
N SER A 332 21.07 14.53 -26.91
CA SER A 332 19.78 14.91 -26.35
C SER A 332 19.08 15.86 -27.31
N ASN A 333 17.79 16.07 -27.07
CA ASN A 333 17.03 16.98 -27.90
C ASN A 333 17.48 18.42 -27.63
N ARG A 334 17.32 19.28 -28.63
CA ARG A 334 17.88 20.63 -28.55
C ARG A 334 17.22 21.47 -27.47
N GLU A 335 15.99 21.15 -27.07
CA GLU A 335 15.24 21.97 -26.14
C GLU A 335 15.33 21.48 -24.69
N SER A 336 15.34 20.17 -24.47
CA SER A 336 15.16 19.61 -23.13
C SER A 336 16.28 20.05 -22.19
N PRO A 337 15.98 20.25 -20.90
CA PRO A 337 17.00 20.76 -19.99
C PRO A 337 17.85 19.66 -19.38
N ILE A 338 18.27 18.71 -20.19
CA ILE A 338 19.21 17.68 -19.75
C ILE A 338 20.23 17.49 -20.85
N VAL A 339 21.40 18.10 -20.71
CA VAL A 339 22.40 18.04 -21.77
C VAL A 339 23.18 16.75 -21.62
N PHE A 340 22.66 15.68 -22.21
CA PHE A 340 23.27 14.38 -22.09
C PHE A 340 24.48 14.29 -23.01
N LEU A 341 25.57 13.75 -22.50
CA LEU A 341 26.79 13.53 -23.25
C LEU A 341 27.13 12.06 -23.30
N LYS A 342 27.18 11.50 -24.50
CA LYS A 342 27.42 10.08 -24.70
C LYS A 342 28.81 9.89 -25.27
N LEU A 343 29.57 8.98 -24.68
CA LEU A 343 30.93 8.74 -25.14
C LEU A 343 30.91 7.91 -26.41
N GLU A 344 31.83 8.23 -27.32
CA GLU A 344 31.93 7.58 -28.61
C GLU A 344 33.03 6.53 -28.59
N LYS A 345 32.85 5.47 -29.38
CA LYS A 345 33.85 4.43 -29.54
C LYS A 345 34.18 3.78 -28.20
N SER A 346 33.19 3.12 -27.60
CA SER A 346 33.34 2.55 -26.28
C SER A 346 34.51 1.58 -26.24
N SER A 347 35.29 1.64 -25.16
CA SER A 347 36.52 0.87 -25.07
C SER A 347 36.26 -0.63 -25.08
N GLY A 348 35.29 -1.08 -24.31
CA GLY A 348 35.11 -2.50 -24.10
C GLY A 348 34.02 -2.80 -23.10
N SER A 349 34.32 -3.65 -22.12
CA SER A 349 33.36 -4.00 -21.10
C SER A 349 32.82 -2.75 -20.42
N ALA A 350 31.50 -2.71 -20.22
CA ALA A 350 30.85 -1.48 -19.76
C ALA A 350 31.36 -1.06 -18.39
N LYS A 351 31.88 -2.01 -17.62
CA LYS A 351 32.44 -1.65 -16.31
C LYS A 351 33.62 -0.72 -16.44
N ASP A 352 34.51 -0.98 -17.40
CA ASP A 352 35.66 -0.10 -17.61
C ASP A 352 35.22 1.30 -18.01
N ASP A 353 34.24 1.40 -18.91
CA ASP A 353 33.77 2.71 -19.35
C ASP A 353 33.07 3.47 -18.24
N LEU A 354 32.26 2.77 -17.44
CA LEU A 354 31.58 3.42 -16.33
C LEU A 354 32.59 3.90 -15.28
N LEU A 355 33.63 3.09 -15.03
CA LEU A 355 34.68 3.54 -14.14
C LEU A 355 35.41 4.73 -14.73
N LEU A 356 35.51 4.78 -16.06
CA LEU A 356 36.15 5.89 -16.74
C LEU A 356 35.33 7.16 -16.50
N LEU A 357 34.01 7.02 -16.55
CA LEU A 357 33.11 8.17 -16.33
C LEU A 357 33.19 8.65 -14.88
N GLU A 358 33.21 7.71 -13.93
CA GLU A 358 33.34 8.11 -12.53
C GLU A 358 34.65 8.84 -12.29
N LYS A 359 35.74 8.34 -12.87
CA LYS A 359 37.03 9.03 -12.73
C LYS A 359 36.97 10.43 -13.32
N MET A 360 36.31 10.56 -14.47
CA MET A 360 36.19 11.87 -15.12
C MET A 360 35.43 12.85 -14.23
N ALA A 361 34.31 12.42 -13.66
CA ALA A 361 33.52 13.30 -12.81
C ALA A 361 34.29 13.69 -11.56
N ASP A 362 34.96 12.72 -10.94
CA ASP A 362 35.75 13.01 -9.75
C ASP A 362 36.86 14.01 -10.06
N ARG A 363 37.55 13.81 -11.19
CA ARG A 363 38.59 14.74 -11.59
C ARG A 363 38.03 16.14 -11.82
N ALA A 364 36.85 16.22 -12.44
CA ALA A 364 36.25 17.52 -12.67
C ALA A 364 35.98 18.24 -11.36
N LEU A 365 35.40 17.53 -10.39
CA LEU A 365 35.12 18.15 -9.10
C LEU A 365 36.39 18.57 -8.39
N LYS A 366 37.42 17.71 -8.42
CA LYS A 366 38.64 18.00 -7.66
C LYS A 366 39.45 19.12 -8.29
N GLU A 367 39.42 19.27 -9.61
CA GLU A 367 40.27 20.23 -10.28
C GLU A 367 39.58 21.55 -10.58
N ASP A 368 38.31 21.54 -11.00
CA ASP A 368 37.67 22.77 -11.44
C ASP A 368 36.44 23.15 -10.64
N SER A 369 36.15 22.34 -9.63
CA SER A 369 34.98 22.58 -8.82
C SER A 369 33.84 22.77 -9.76
N LEU A 370 33.13 21.68 -10.07
CA LEU A 370 32.02 21.72 -10.98
C LEU A 370 31.31 20.41 -10.84
N LEU A 371 30.37 20.30 -9.93
CA LEU A 371 29.70 19.05 -9.75
C LEU A 371 28.96 18.57 -10.93
N VAL A 372 29.14 17.35 -11.39
CA VAL A 372 28.29 16.84 -12.47
C VAL A 372 27.77 15.47 -12.11
N VAL A 373 26.96 14.83 -12.93
CA VAL A 373 26.41 13.55 -12.52
C VAL A 373 26.57 12.53 -13.57
N SER A 374 27.18 11.40 -13.25
CA SER A 374 27.56 10.34 -14.17
C SER A 374 26.63 9.16 -13.94
N SER A 375 26.01 8.66 -15.01
CA SER A 375 24.94 7.68 -14.90
C SER A 375 25.40 6.42 -14.20
N LYS A 376 24.53 5.92 -13.32
CA LYS A 376 24.77 4.75 -12.50
C LYS A 376 23.62 3.78 -12.48
N ARG A 377 23.89 2.52 -12.75
CA ARG A 377 22.86 1.50 -12.79
C ARG A 377 23.12 0.45 -11.72
N SER A 378 22.05 -0.01 -11.09
CA SER A 378 22.16 -1.13 -10.17
C SER A 378 22.15 -2.43 -10.98
N PHE A 379 22.11 -3.57 -10.33
CA PHE A 379 21.94 -4.84 -11.03
C PHE A 379 20.47 -5.20 -11.18
N LEU A 380 19.58 -4.28 -10.80
CA LEU A 380 18.14 -4.45 -10.94
C LEU A 380 17.56 -3.61 -12.07
N ASP A 381 18.33 -2.68 -12.62
CA ASP A 381 17.90 -1.78 -13.67
C ASP A 381 18.27 -2.39 -15.00
N LYS A 382 17.29 -2.54 -15.88
CA LYS A 382 17.45 -3.30 -17.12
C LYS A 382 17.60 -2.41 -18.34
N CYS A 383 17.93 -1.13 -18.16
CA CYS A 383 18.18 -0.28 -19.31
C CYS A 383 19.45 -0.72 -20.02
N ARG A 384 19.44 -0.60 -21.35
CA ARG A 384 20.61 -0.89 -22.18
C ARG A 384 20.92 0.32 -23.04
N LEU A 385 20.54 1.50 -22.58
CA LEU A 385 20.91 2.72 -23.26
C LEU A 385 22.26 3.21 -22.78
N PRO A 386 23.06 3.78 -23.66
CA PRO A 386 24.48 3.99 -23.38
C PRO A 386 24.71 4.90 -22.18
N VAL A 387 25.81 4.65 -21.46
CA VAL A 387 26.14 5.47 -20.30
C VAL A 387 26.69 6.82 -20.75
N GLY A 388 26.76 7.74 -19.80
CA GLY A 388 27.28 9.07 -20.09
C GLY A 388 27.12 9.96 -18.86
N ILE A 389 27.47 11.22 -19.03
CA ILE A 389 27.38 12.20 -17.97
C ILE A 389 26.25 13.17 -18.30
N LYS A 390 25.37 13.41 -17.35
CA LYS A 390 24.25 14.31 -17.57
C LYS A 390 24.56 15.70 -16.98
N LEU A 391 23.80 16.68 -17.44
CA LEU A 391 23.94 18.06 -16.99
C LEU A 391 22.57 18.68 -16.87
N TYR A 392 22.13 18.94 -15.63
CA TYR A 392 20.80 19.51 -15.37
C TYR A 392 20.91 21.03 -15.40
N VAL A 393 21.06 21.58 -16.60
CA VAL A 393 21.13 23.03 -16.74
C VAL A 393 19.84 23.65 -16.20
N SER A 394 19.96 24.83 -15.59
CA SER A 394 18.86 25.47 -14.88
C SER A 394 18.76 26.93 -15.27
N ALA A 395 17.72 27.59 -14.75
CA ALA A 395 17.44 28.98 -15.06
C ALA A 395 18.20 29.95 -14.20
N GLY A 396 18.91 29.47 -13.18
CA GLY A 396 19.62 30.36 -12.28
C GLY A 396 21.11 30.42 -12.56
N HIS A 397 21.53 29.93 -13.70
CA HIS A 397 22.93 29.86 -14.07
C HIS A 397 23.30 31.08 -14.90
N SER A 398 24.39 31.74 -14.53
CA SER A 398 24.89 32.87 -15.29
C SER A 398 25.48 32.39 -16.61
N GLU A 399 25.97 33.33 -17.41
CA GLU A 399 26.69 32.95 -18.61
C GLU A 399 28.12 32.51 -18.27
N SER A 400 28.74 33.16 -17.29
CA SER A 400 30.15 32.91 -17.00
C SER A 400 30.37 31.50 -16.47
N ASP A 401 29.54 31.06 -15.54
CA ASP A 401 29.72 29.73 -14.96
C ASP A 401 29.41 28.65 -15.99
N LEU A 402 28.43 28.95 -16.82
CA LEU A 402 28.05 28.05 -17.88
C LEU A 402 29.23 27.88 -18.78
N LEU A 403 29.75 29.00 -19.25
CA LEU A 403 30.88 29.05 -20.14
C LEU A 403 32.02 28.29 -19.61
N LYS A 404 32.33 28.55 -18.38
CA LYS A 404 33.39 27.86 -17.74
C LYS A 404 33.14 26.37 -17.74
N ALA A 405 31.89 25.98 -17.61
CA ALA A 405 31.62 24.56 -17.53
C ALA A 405 32.03 23.85 -18.77
N SER A 406 31.65 24.41 -19.90
CA SER A 406 31.98 23.83 -21.19
C SER A 406 33.45 23.67 -21.32
N GLU A 407 34.16 24.74 -21.02
CA GLU A 407 35.58 24.79 -21.08
C GLU A 407 36.18 23.65 -20.34
N SER A 408 35.84 23.53 -19.08
CA SER A 408 36.46 22.49 -18.29
C SER A 408 36.19 21.12 -18.81
N LEU A 409 34.93 20.91 -19.13
CA LEU A 409 34.47 19.63 -19.64
C LEU A 409 35.30 19.25 -20.80
N LYS A 410 35.34 20.14 -21.79
CA LYS A 410 36.09 19.96 -22.99
C LYS A 410 37.47 19.51 -22.72
N ARG A 411 38.20 20.33 -21.98
CA ARG A 411 39.59 20.02 -21.72
C ARG A 411 39.83 18.67 -21.13
N LEU A 412 39.12 18.43 -20.04
CA LEU A 412 39.36 17.22 -19.31
C LEU A 412 39.04 16.05 -20.13
N ALA A 413 37.87 16.11 -20.73
CA ALA A 413 37.39 15.00 -21.47
C ALA A 413 38.30 14.65 -22.57
N SER A 414 38.70 15.64 -23.36
CA SER A 414 39.54 15.35 -24.51
C SER A 414 40.80 14.68 -24.10
N GLU A 415 41.49 15.30 -23.17
CA GLU A 415 42.75 14.72 -22.83
C GLU A 415 42.66 13.35 -22.19
N LEU A 416 41.74 13.17 -21.27
CA LEU A 416 41.72 11.87 -20.64
C LEU A 416 41.12 10.80 -21.48
N LEU A 417 40.27 11.16 -22.43
CA LEU A 417 39.64 10.13 -23.20
C LEU A 417 40.43 9.83 -24.43
N LEU A 418 41.48 10.60 -24.70
CA LEU A 418 42.27 10.27 -25.87
C LEU A 418 43.57 9.58 -25.54
N MET B 1 -6.69 -17.59 19.05
CA MET B 1 -6.13 -16.34 19.52
C MET B 1 -7.24 -15.38 19.98
N ILE B 2 -8.43 -15.57 19.43
CA ILE B 2 -9.57 -14.70 19.71
C ILE B 2 -10.77 -15.55 20.09
N THR B 3 -11.47 -15.10 21.14
CA THR B 3 -12.65 -15.79 21.65
C THR B 3 -13.88 -15.20 20.96
N ILE B 4 -14.52 -16.01 20.13
CA ILE B 4 -15.68 -15.59 19.34
C ILE B 4 -16.92 -16.17 20.00
N PRO B 5 -17.77 -15.38 20.64
CA PRO B 5 -19.04 -15.91 21.13
C PRO B 5 -19.86 -16.45 19.97
N TYR B 6 -20.62 -17.51 20.25
CA TYR B 6 -21.32 -18.22 19.17
C TYR B 6 -22.33 -17.32 18.47
N LEU B 7 -23.30 -16.80 19.22
CA LEU B 7 -24.37 -16.01 18.60
C LEU B 7 -23.81 -14.79 17.88
N THR B 8 -22.69 -14.25 18.34
CA THR B 8 -22.04 -13.17 17.62
C THR B 8 -21.55 -13.64 16.25
N ALA B 9 -20.96 -14.84 16.19
CA ALA B 9 -20.54 -15.38 14.90
C ALA B 9 -21.73 -15.58 13.98
N VAL B 10 -22.81 -16.15 14.49
CA VAL B 10 -23.99 -16.38 13.66
C VAL B 10 -24.57 -15.05 13.17
N SER B 11 -24.65 -14.06 14.05
CA SER B 11 -25.18 -12.76 13.64
C SER B 11 -24.30 -12.12 12.59
N THR B 12 -22.98 -12.21 12.73
CA THR B 12 -22.10 -11.64 11.73
C THR B 12 -22.31 -12.28 10.37
N TYR B 13 -22.37 -13.60 10.33
CA TYR B 13 -22.58 -14.28 9.06
C TYR B 13 -23.91 -13.90 8.45
N PHE B 14 -24.97 -13.86 9.27
CA PHE B 14 -26.29 -13.51 8.74
C PHE B 14 -26.33 -12.09 8.20
N SER B 15 -25.74 -11.14 8.92
CA SER B 15 -25.76 -9.76 8.47
C SER B 15 -24.98 -9.60 7.17
N TYR B 16 -23.80 -10.22 7.07
CA TYR B 16 -23.07 -10.12 5.82
C TYR B 16 -23.84 -10.78 4.68
N GLY B 17 -24.54 -11.87 4.96
CA GLY B 17 -25.37 -12.49 3.94
C GLY B 17 -26.47 -11.55 3.45
N LEU B 18 -27.00 -10.79 4.35
CA LEU B 18 -28.02 -9.88 3.99
C LEU B 18 -27.64 -8.71 3.17
N LEU B 19 -26.38 -8.30 3.21
CA LEU B 19 -25.77 -7.19 2.51
C LEU B 19 -25.43 -7.64 1.13
N PHE B 20 -24.88 -8.82 1.01
CA PHE B 20 -24.58 -9.42 -0.23
C PHE B 20 -25.91 -9.56 -0.88
N ALA B 21 -26.94 -10.13 -0.29
CA ALA B 21 -28.25 -10.15 -0.95
C ALA B 21 -28.89 -8.82 -1.36
N PHE B 22 -28.86 -7.76 -0.54
CA PHE B 22 -29.44 -6.52 -1.10
C PHE B 22 -28.59 -5.98 -2.20
N GLY B 23 -27.30 -6.14 -2.08
CA GLY B 23 -26.37 -5.75 -3.08
C GLY B 23 -26.75 -6.38 -4.36
N GLN B 24 -26.91 -7.68 -4.39
CA GLN B 24 -27.29 -8.29 -5.61
C GLN B 24 -28.51 -7.80 -6.18
N LEU B 25 -29.55 -7.66 -5.39
CA LEU B 25 -30.76 -7.13 -6.00
C LEU B 25 -30.57 -5.75 -6.68
N ARG B 26 -29.93 -4.85 -5.98
CA ARG B 26 -29.69 -3.55 -6.50
C ARG B 26 -28.90 -3.63 -7.76
N ASP B 27 -27.83 -4.38 -7.77
CA ASP B 27 -27.03 -4.43 -8.96
C ASP B 27 -27.74 -4.98 -10.11
N PHE B 28 -28.51 -6.03 -9.91
CA PHE B 28 -29.15 -6.55 -11.07
C PHE B 28 -30.20 -5.67 -11.65
N PHE B 29 -30.99 -4.97 -10.84
CA PHE B 29 -31.95 -4.07 -11.51
C PHE B 29 -31.31 -2.88 -12.17
N ARG B 30 -30.17 -2.44 -11.65
CA ARG B 30 -29.41 -1.39 -12.28
C ARG B 30 -29.06 -1.86 -13.64
N ARG B 31 -28.47 -3.02 -13.70
CA ARG B 31 -28.04 -3.56 -14.96
C ARG B 31 -29.13 -3.70 -15.97
N PHE B 32 -30.27 -4.19 -15.54
CA PHE B 32 -31.32 -4.42 -16.53
C PHE B 32 -31.86 -3.12 -17.06
N ILE B 33 -31.96 -2.12 -16.21
CA ILE B 33 -32.46 -0.87 -16.74
C ILE B 33 -31.43 -0.22 -17.62
N ASP B 34 -30.15 -0.42 -17.35
CA ASP B 34 -29.15 0.11 -18.24
C ASP B 34 -29.37 -0.51 -19.63
N TRP B 35 -29.54 -1.82 -19.72
CA TRP B 35 -29.77 -2.38 -21.07
C TRP B 35 -31.13 -2.14 -21.74
N TRP B 36 -32.12 -1.58 -21.04
CA TRP B 36 -33.39 -1.37 -21.76
C TRP B 36 -33.20 -0.38 -22.89
N GLY B 43 -14.27 4.55 -26.81
CA GLY B 43 -14.13 3.24 -27.43
C GLY B 43 -13.21 2.33 -26.65
N TYR B 44 -12.63 2.87 -25.57
CA TYR B 44 -11.71 2.11 -24.74
C TYR B 44 -12.47 1.36 -23.65
N ALA B 45 -11.88 0.26 -23.20
CA ALA B 45 -12.56 -0.62 -22.27
C ALA B 45 -12.73 0.05 -20.91
N PRO B 46 -13.81 -0.27 -20.19
CA PRO B 46 -14.03 0.32 -18.87
C PRO B 46 -13.23 -0.35 -17.77
N ILE B 47 -12.60 0.45 -16.91
CA ILE B 47 -11.81 -0.09 -15.81
C ILE B 47 -12.71 -0.70 -14.75
N CYS B 48 -13.84 -0.06 -14.45
CA CYS B 48 -14.69 -0.45 -13.34
C CYS B 48 -15.86 -1.30 -13.85
N ASP B 53 -16.24 -3.59 -8.29
CA ASP B 53 -17.36 -2.66 -8.19
C ASP B 53 -18.23 -3.05 -7.05
N PHE B 54 -18.71 -4.29 -7.03
CA PHE B 54 -19.57 -4.75 -5.99
C PHE B 54 -19.15 -4.46 -4.57
N TYR B 55 -18.01 -5.00 -4.17
CA TYR B 55 -17.68 -4.82 -2.78
C TYR B 55 -17.44 -3.44 -2.42
N ILE B 56 -16.71 -2.74 -3.29
CA ILE B 56 -16.40 -1.40 -2.91
C ILE B 56 -17.60 -0.57 -2.83
N ARG B 57 -18.46 -0.65 -3.83
CA ARG B 57 -19.60 0.21 -3.89
C ARG B 57 -20.44 0.00 -2.72
N ARG B 58 -20.77 -1.25 -2.46
CA ARG B 58 -21.69 -1.45 -1.38
C ARG B 58 -21.14 -1.07 -0.03
N LEU B 59 -19.99 -1.61 0.29
CA LEU B 59 -19.55 -1.36 1.62
C LEU B 59 -19.10 0.00 1.84
N TYR B 60 -18.47 0.59 0.85
CA TYR B 60 -17.89 1.86 1.15
C TYR B 60 -18.88 2.90 1.09
N HIS B 61 -19.92 2.73 0.32
CA HIS B 61 -20.84 3.80 0.26
C HIS B 61 -21.69 3.78 1.45
N ARG B 62 -21.96 2.59 1.99
CA ARG B 62 -22.77 2.64 3.15
C ARG B 62 -21.98 3.27 4.29
N ILE B 63 -20.67 3.19 4.27
CA ILE B 63 -19.93 3.86 5.34
C ILE B 63 -18.75 4.62 4.79
N GLN B 64 -18.92 5.92 4.53
CA GLN B 64 -17.83 6.73 4.02
C GLN B 64 -17.77 8.10 4.67
N ASP B 65 -18.63 8.37 5.65
CA ASP B 65 -18.47 9.55 6.49
C ASP B 65 -17.61 9.24 7.70
N CYS B 66 -17.12 8.01 7.82
CA CYS B 66 -16.25 7.60 8.91
C CYS B 66 -14.79 7.50 8.49
N PHE B 67 -14.46 7.91 7.26
CA PHE B 67 -13.09 7.83 6.77
C PHE B 67 -12.71 9.14 6.10
N GLU B 68 -11.40 9.41 6.08
CA GLU B 68 -10.83 10.58 5.43
C GLU B 68 -11.43 11.87 6.00
N ARG B 69 -11.58 11.90 7.31
CA ARG B 69 -12.09 13.10 7.95
C ARG B 69 -11.02 14.18 7.93
N PRO B 70 -11.26 15.32 7.28
CA PRO B 70 -10.24 16.36 7.25
C PRO B 70 -10.21 17.16 8.54
N ILE B 71 -9.00 17.50 8.97
CA ILE B 71 -8.81 18.30 10.17
C ILE B 71 -8.15 19.60 9.77
N SER B 72 -8.14 20.56 10.69
CA SER B 72 -7.67 21.91 10.39
C SER B 72 -6.71 22.41 11.45
N SER B 73 -5.82 21.53 11.90
CA SER B 73 -4.80 21.92 12.87
C SER B 73 -3.75 20.82 12.93
N ALA B 74 -2.74 21.05 13.77
CA ALA B 74 -1.70 20.07 13.96
C ALA B 74 -2.22 18.90 14.80
N PRO B 75 -1.73 17.68 14.55
CA PRO B 75 -2.04 16.57 15.46
C PRO B 75 -1.63 16.93 16.87
N ASP B 76 -2.49 16.61 17.82
CA ASP B 76 -2.27 16.98 19.21
C ASP B 76 -3.10 16.05 20.08
N ALA B 77 -3.27 16.42 21.35
CA ALA B 77 -4.22 15.70 22.20
C ALA B 77 -5.65 16.09 21.85
N TRP B 78 -5.87 17.37 21.56
CA TRP B 78 -7.17 17.90 21.16
C TRP B 78 -7.02 18.59 19.82
N PHE B 79 -7.58 18.00 18.78
CA PHE B 79 -7.58 18.64 17.46
C PHE B 79 -9.01 18.84 16.99
N ASP B 80 -9.16 19.72 16.01
CA ASP B 80 -10.46 20.15 15.52
C ASP B 80 -10.79 19.46 14.19
N VAL B 81 -11.98 18.89 14.11
CA VAL B 81 -12.40 18.08 12.97
C VAL B 81 -13.40 18.86 12.14
N VAL B 82 -13.25 18.82 10.83
CA VAL B 82 -14.13 19.55 9.93
C VAL B 82 -15.45 18.79 9.75
N GLU B 83 -16.54 19.54 9.78
CA GLU B 83 -17.84 18.97 9.62
C GLU B 83 -18.06 18.67 8.21
N ARG B 84 -18.81 17.64 7.86
CA ARG B 84 -19.01 17.39 6.45
C ARG B 84 -20.36 16.97 5.97
N TYR B 85 -21.02 17.85 5.25
CA TYR B 85 -22.35 17.65 4.69
C TYR B 85 -22.34 16.96 3.32
N SER B 86 -23.36 16.17 3.04
CA SER B 86 -23.38 15.32 1.85
C SER B 86 -24.16 15.69 0.65
N ASN B 87 -24.98 16.72 0.75
CA ASN B 87 -25.81 17.16 -0.36
C ASN B 87 -26.61 16.05 -1.03
N ASP B 88 -26.66 16.01 -2.36
CA ASP B 88 -27.43 15.00 -3.06
C ASP B 88 -27.11 13.58 -2.64
N ASN B 89 -27.92 13.16 -1.70
CA ASN B 89 -27.92 11.89 -1.02
C ASN B 89 -26.71 11.00 -0.97
N ASN B 90 -26.02 11.14 0.14
CA ASN B 90 -24.90 10.35 0.54
C ASN B 90 -23.85 9.93 -0.45
N LYS B 91 -23.50 10.81 -1.39
CA LYS B 91 -22.45 10.40 -2.27
C LYS B 91 -21.20 11.21 -2.15
N THR B 92 -21.17 12.49 -2.45
CA THR B 92 -19.89 13.20 -2.25
C THR B 92 -19.85 14.15 -1.05
N LEU B 93 -19.24 13.72 0.03
CA LEU B 93 -19.19 14.57 1.18
C LEU B 93 -18.32 15.73 0.87
N LYS B 94 -18.84 16.91 1.13
CA LYS B 94 -18.09 18.09 0.83
C LYS B 94 -17.80 18.79 2.13
N ARG B 95 -16.57 18.78 2.53
CA ARG B 95 -16.19 19.41 3.73
C ARG B 95 -16.46 20.85 3.60
N THR B 96 -17.48 21.33 4.30
CA THR B 96 -17.91 22.71 4.30
C THR B 96 -17.05 23.62 5.17
N THR B 97 -17.64 24.60 5.82
CA THR B 97 -16.89 25.32 6.83
C THR B 97 -17.33 24.75 8.18
N LYS B 98 -16.96 25.44 9.24
CA LYS B 98 -17.29 25.12 10.62
C LYS B 98 -16.74 23.84 11.26
N THR B 99 -16.07 23.98 12.38
CA THR B 99 -15.46 22.83 12.93
C THR B 99 -15.52 22.67 14.37
N SER B 100 -15.29 21.46 14.83
CA SER B 100 -15.37 21.06 16.22
C SER B 100 -14.23 21.30 17.11
N ARG B 101 -13.85 20.25 17.84
CA ARG B 101 -12.74 20.23 18.84
C ARG B 101 -12.56 18.93 19.62
N CYS B 102 -12.10 17.85 19.04
CA CYS B 102 -12.10 16.56 19.71
C CYS B 102 -11.16 16.06 20.75
N LEU B 103 -10.77 14.84 20.68
CA LEU B 103 -9.84 14.24 21.54
C LEU B 103 -9.26 13.34 20.62
N ASN B 104 -8.07 13.32 20.66
CA ASN B 104 -7.30 12.60 19.64
C ASN B 104 -7.00 11.19 20.11
N LEU B 105 -7.73 10.28 19.55
CA LEU B 105 -7.41 8.94 19.80
C LEU B 105 -7.18 8.32 18.48
N GLY B 106 -6.68 9.05 17.49
CA GLY B 106 -6.50 8.46 16.20
C GLY B 106 -5.06 8.33 15.84
N SER B 107 -4.51 9.40 15.37
CA SER B 107 -3.13 9.45 14.95
C SER B 107 -2.23 9.05 16.06
N TYR B 108 -1.20 8.28 15.74
CA TYR B 108 -0.30 7.92 16.77
C TYR B 108 0.84 8.84 16.81
N ASN B 109 1.20 9.29 17.98
CA ASN B 109 2.36 10.07 18.08
C ASN B 109 2.89 9.87 19.48
N TYR B 110 2.81 8.64 20.00
CA TYR B 110 3.26 8.22 21.31
C TYR B 110 3.97 9.14 22.21
N LEU B 111 5.13 9.63 21.80
CA LEU B 111 5.88 10.53 22.63
C LEU B 111 5.48 11.96 22.54
N GLY B 112 4.49 12.28 21.75
CA GLY B 112 4.02 13.62 21.68
C GLY B 112 5.04 14.50 21.07
N PHE B 113 5.31 14.26 19.82
CA PHE B 113 6.31 15.05 19.21
C PHE B 113 5.80 15.81 18.05
N GLY B 114 4.51 15.79 17.82
CA GLY B 114 4.02 16.49 16.67
C GLY B 114 3.16 17.65 17.03
N SER B 115 3.76 18.72 17.45
CA SER B 115 2.97 19.85 17.82
C SER B 115 3.93 20.96 17.65
N PHE B 116 4.49 21.43 18.76
CA PHE B 116 5.45 22.47 18.80
C PHE B 116 5.99 22.58 20.20
N ASP B 117 7.17 22.05 20.47
CA ASP B 117 7.69 22.27 21.81
C ASP B 117 8.72 23.35 21.74
N GLU B 118 9.67 23.33 22.62
CA GLU B 118 10.67 24.38 22.72
C GLU B 118 11.96 24.02 22.01
N TYR B 119 12.42 22.78 22.13
CA TYR B 119 13.76 22.44 21.65
C TYR B 119 13.76 22.21 20.15
N CYS B 120 12.85 21.39 19.64
CA CYS B 120 12.97 20.89 18.28
C CYS B 120 12.57 21.93 17.24
N THR B 121 11.41 22.57 17.40
CA THR B 121 10.88 23.40 16.33
C THR B 121 11.75 24.61 15.98
N PRO B 122 12.28 25.39 16.93
CA PRO B 122 13.19 26.48 16.52
C PRO B 122 14.39 25.99 15.74
N ARG B 123 14.97 24.86 16.14
CA ARG B 123 16.12 24.32 15.40
C ARG B 123 15.71 23.89 14.01
N VAL B 124 14.55 23.25 13.88
CA VAL B 124 14.07 22.83 12.56
C VAL B 124 13.87 24.03 11.67
N ILE B 125 13.30 25.10 12.20
CA ILE B 125 13.08 26.30 11.41
C ILE B 125 14.40 26.92 10.98
N GLU B 126 15.39 26.95 11.89
CA GLU B 126 16.68 27.50 11.54
C GLU B 126 17.35 26.70 10.44
N SER B 127 17.29 25.37 10.52
CA SER B 127 17.86 24.53 9.47
C SER B 127 17.11 24.69 8.15
N LEU B 128 15.79 24.88 8.20
CA LEU B 128 15.06 25.17 6.97
C LEU B 128 15.55 26.48 6.36
N LYS B 129 15.75 27.50 7.18
CA LYS B 129 16.22 28.78 6.66
C LYS B 129 17.59 28.62 6.02
N LYS B 130 18.46 27.83 6.64
CA LYS B 130 19.81 27.64 6.09
C LYS B 130 19.78 26.85 4.80
N PHE B 131 19.16 25.68 4.82
CA PHE B 131 19.22 24.81 3.67
C PHE B 131 18.04 24.75 2.76
N SER B 132 16.95 25.34 3.17
CA SER B 132 15.71 25.48 2.41
C SER B 132 14.96 24.31 1.87
N ALA B 133 13.92 23.94 2.57
CA ALA B 133 12.99 22.91 2.20
C ALA B 133 13.74 21.72 1.79
N SER B 134 13.63 21.34 0.55
CA SER B 134 14.35 20.22 0.06
C SER B 134 15.45 20.63 -0.86
N THR B 135 16.39 19.75 -1.01
CA THR B 135 17.47 19.88 -1.96
C THR B 135 17.00 19.27 -3.24
N CYS B 136 17.81 19.36 -4.27
CA CYS B 136 17.34 18.78 -5.49
C CYS B 136 18.12 17.78 -6.23
N SER B 137 18.30 16.62 -5.62
CA SER B 137 18.98 15.52 -6.23
C SER B 137 18.79 14.28 -5.47
N SER B 138 19.59 13.29 -5.76
CA SER B 138 19.53 12.03 -5.05
C SER B 138 20.61 12.05 -4.00
N ARG B 139 20.89 10.94 -3.38
CA ARG B 139 21.87 11.03 -2.29
C ARG B 139 23.29 10.78 -2.79
N VAL B 140 23.45 10.31 -4.03
CA VAL B 140 24.79 10.05 -4.52
C VAL B 140 25.42 11.30 -5.11
N ASP B 141 24.62 12.25 -5.59
CA ASP B 141 25.18 13.37 -6.31
C ASP B 141 25.25 14.65 -5.49
N ALA B 142 24.10 15.19 -5.09
CA ALA B 142 24.07 16.46 -4.37
C ALA B 142 23.04 16.45 -3.25
N GLY B 143 22.56 15.28 -2.84
CA GLY B 143 21.57 15.22 -1.78
C GLY B 143 22.16 14.89 -0.43
N THR B 144 23.47 15.06 -0.29
CA THR B 144 24.17 14.74 0.95
C THR B 144 24.65 16.04 1.58
N THR B 145 23.85 16.60 2.46
CA THR B 145 24.24 17.76 3.25
C THR B 145 24.75 17.29 4.61
N SER B 146 25.35 18.22 5.35
CA SER B 146 25.93 17.88 6.64
C SER B 146 24.88 17.33 7.59
N VAL B 147 23.64 17.81 7.46
CA VAL B 147 22.56 17.36 8.33
C VAL B 147 22.30 15.87 8.13
N HIS B 148 22.41 15.40 6.88
CA HIS B 148 22.23 13.97 6.63
C HIS B 148 23.31 13.14 7.32
N ALA B 149 24.55 13.63 7.30
CA ALA B 149 25.62 12.92 7.99
C ALA B 149 25.37 12.85 9.49
N GLU B 150 24.99 13.98 10.09
CA GLU B 150 24.66 13.99 11.51
C GLU B 150 23.54 13.02 11.81
N LEU B 151 22.52 12.97 10.95
CA LEU B 151 21.43 12.04 11.13
C LEU B 151 21.89 10.61 11.14
N GLU B 152 22.77 10.25 10.20
CA GLU B 152 23.22 8.88 10.11
C GLU B 152 24.02 8.48 11.35
N GLU B 153 24.90 9.37 11.82
CA GLU B 153 25.63 9.07 13.06
C GLU B 153 24.68 8.90 14.23
N CYS B 154 23.68 9.79 14.35
CA CYS B 154 22.76 9.70 15.49
C CYS B 154 21.96 8.41 15.47
N VAL B 155 21.46 8.01 14.31
CA VAL B 155 20.72 6.75 14.24
C VAL B 155 21.64 5.58 14.56
N THR B 156 22.89 5.64 14.10
CA THR B 156 23.83 4.55 14.40
C THR B 156 24.06 4.44 15.90
N ARG B 157 24.26 5.56 16.58
CA ARG B 157 24.51 5.55 18.01
C ARG B 157 23.27 5.26 18.84
N PHE B 158 22.08 5.48 18.31
CA PHE B 158 20.85 5.25 19.06
C PHE B 158 20.27 3.86 18.86
N VAL B 159 20.44 3.25 17.69
CA VAL B 159 19.90 1.91 17.49
C VAL B 159 20.85 0.86 18.05
N GLY B 160 22.16 1.06 17.90
CA GLY B 160 23.14 0.17 18.47
C GLY B 160 24.09 -0.43 17.45
N LYS B 161 23.58 -0.79 16.28
CA LYS B 161 24.35 -1.50 15.29
C LYS B 161 25.37 -0.57 14.62
N PRO B 162 26.40 -1.14 13.98
CA PRO B 162 27.54 -0.31 13.56
C PRO B 162 27.30 0.60 12.37
N ALA B 163 26.18 0.49 11.65
CA ALA B 163 25.97 1.37 10.51
C ALA B 163 24.49 1.53 10.23
N ALA B 164 24.16 2.57 9.46
CA ALA B 164 22.78 2.82 9.08
C ALA B 164 22.74 3.70 7.84
N VAL B 165 21.61 3.65 7.12
CA VAL B 165 21.28 4.60 6.07
C VAL B 165 19.81 4.97 6.21
N VAL B 166 19.48 6.23 5.94
CA VAL B 166 18.13 6.73 6.13
C VAL B 166 17.49 7.01 4.78
N PHE B 167 16.22 6.63 4.65
CA PHE B 167 15.47 6.80 3.41
C PHE B 167 14.38 7.86 3.60
N GLY B 168 13.56 8.03 2.58
CA GLY B 168 12.53 9.04 2.63
C GLY B 168 11.13 8.50 2.83
N MET B 169 10.98 7.18 2.93
CA MET B 169 9.67 6.57 3.03
C MET B 169 9.83 5.11 3.44
N GLY B 170 9.07 4.68 4.43
CA GLY B 170 9.17 3.31 4.93
C GLY B 170 8.72 2.24 3.95
N TYR B 171 7.56 2.47 3.35
CA TYR B 171 7.06 1.51 2.37
C TYR B 171 8.03 1.38 1.20
N ALA B 172 8.55 2.50 0.69
CA ALA B 172 9.56 2.45 -0.35
C ALA B 172 10.81 1.75 0.16
N THR B 173 11.17 1.97 1.42
CA THR B 173 12.33 1.31 1.99
C THR B 173 12.22 -0.21 1.85
N ASN B 174 11.10 -0.78 2.31
CA ASN B 174 10.95 -2.23 2.21
C ASN B 174 10.88 -2.69 0.75
N SER B 175 10.10 -1.98 -0.07
CA SER B 175 9.87 -2.43 -1.44
C SER B 175 11.14 -2.37 -2.27
N ALA B 176 12.09 -1.53 -1.88
CA ALA B 176 13.31 -1.41 -2.65
C ALA B 176 14.47 -2.15 -2.01
N ILE B 177 14.31 -2.56 -0.74
CA ILE B 177 15.40 -3.30 -0.12
C ILE B 177 15.24 -4.80 -0.24
N ILE B 178 14.01 -5.34 -0.16
CA ILE B 178 13.87 -6.81 -0.20
C ILE B 178 14.39 -7.40 -1.49
N PRO B 179 14.16 -6.82 -2.67
CA PRO B 179 14.78 -7.41 -3.88
C PRO B 179 16.29 -7.49 -3.81
N VAL B 180 16.97 -6.56 -3.14
CA VAL B 180 18.44 -6.55 -3.17
C VAL B 180 19.00 -7.77 -2.44
N LEU B 181 18.46 -8.08 -1.25
CA LEU B 181 19.02 -9.13 -0.41
C LEU B 181 18.71 -10.53 -0.91
N ILE B 182 17.52 -10.79 -1.45
CA ILE B 182 17.14 -12.14 -1.84
C ILE B 182 16.53 -12.09 -3.24
N GLY B 183 16.68 -13.18 -3.97
CA GLY B 183 16.27 -13.19 -5.37
C GLY B 183 15.69 -14.49 -5.88
N LYS B 184 16.17 -14.94 -7.03
CA LYS B 184 15.66 -16.14 -7.68
C LYS B 184 16.43 -17.35 -7.18
N GLY B 185 15.73 -18.25 -6.50
CA GLY B 185 16.35 -19.37 -5.83
C GLY B 185 16.39 -19.26 -4.33
N GLY B 186 15.70 -18.28 -3.73
CA GLY B 186 15.67 -18.10 -2.30
C GLY B 186 14.25 -18.18 -1.78
N LEU B 187 14.14 -18.16 -0.47
CA LEU B 187 12.87 -18.32 0.22
C LEU B 187 12.67 -17.21 1.23
N ILE B 188 11.42 -16.89 1.52
CA ILE B 188 11.07 -15.89 2.52
C ILE B 188 9.97 -16.49 3.36
N ILE B 189 10.32 -17.03 4.53
CA ILE B 189 9.29 -17.41 5.49
C ILE B 189 8.87 -16.12 6.18
N SER B 190 7.81 -15.49 5.67
CA SER B 190 7.31 -14.27 6.30
C SER B 190 6.46 -14.67 7.49
N ASP B 191 5.73 -13.72 8.06
CA ASP B 191 4.81 -14.03 9.15
C ASP B 191 3.40 -13.81 8.60
N SER B 192 2.42 -14.47 9.21
CA SER B 192 1.06 -14.52 8.67
C SER B 192 0.52 -13.13 8.36
N LEU B 193 0.65 -12.20 9.29
CA LEU B 193 0.18 -10.86 9.04
C LEU B 193 1.32 -9.86 9.16
N ASN B 194 1.58 -9.14 8.07
CA ASN B 194 2.58 -8.08 8.08
C ASN B 194 2.07 -6.88 7.30
N HIS B 195 3.00 -5.99 7.12
CA HIS B 195 2.65 -4.91 6.35
C HIS B 195 2.69 -5.38 4.93
N SER B 196 1.89 -4.67 4.19
CA SER B 196 1.72 -4.94 2.82
C SER B 196 2.95 -4.61 2.07
N SER B 197 3.70 -3.61 2.50
CA SER B 197 4.96 -3.30 1.90
C SER B 197 5.89 -4.49 1.95
N ILE B 198 5.97 -5.21 3.05
CA ILE B 198 6.83 -6.38 3.07
C ILE B 198 6.35 -7.37 2.06
N VAL B 199 5.06 -7.61 2.02
CA VAL B 199 4.59 -8.53 0.98
C VAL B 199 4.99 -8.11 -0.43
N ASN B 200 4.82 -6.84 -0.72
CA ASN B 200 5.22 -6.33 -2.00
C ASN B 200 6.66 -6.49 -2.26
N GLY B 201 7.47 -6.22 -1.26
CA GLY B 201 8.89 -6.37 -1.34
C GLY B 201 9.20 -7.76 -1.77
N ALA B 202 8.62 -8.76 -1.12
CA ALA B 202 8.82 -10.14 -1.51
C ALA B 202 8.59 -10.32 -2.96
N ARG B 203 7.43 -9.94 -3.43
CA ARG B 203 7.20 -10.13 -4.87
C ARG B 203 8.19 -9.45 -5.78
N GLY B 204 8.67 -8.30 -5.37
CA GLY B 204 9.54 -7.53 -6.24
C GLY B 204 10.70 -8.32 -6.79
N SER B 205 10.89 -9.54 -6.28
CA SER B 205 11.96 -10.41 -6.74
C SER B 205 11.39 -11.76 -7.16
N GLY B 206 12.26 -12.74 -7.39
CA GLY B 206 11.81 -14.06 -7.77
C GLY B 206 11.87 -15.08 -6.65
N ALA B 207 11.45 -14.68 -5.45
CA ALA B 207 11.56 -15.54 -4.28
C ALA B 207 10.20 -16.11 -3.91
N THR B 208 10.19 -17.42 -3.63
CA THR B 208 9.00 -18.08 -3.14
C THR B 208 8.66 -17.53 -1.76
N ILE B 209 7.36 -17.45 -1.47
CA ILE B 209 6.88 -16.85 -0.24
C ILE B 209 6.08 -17.88 0.53
N ARG B 210 6.63 -18.38 1.62
CA ARG B 210 5.88 -19.24 2.52
C ARG B 210 5.45 -18.42 3.74
N VAL B 211 4.65 -19.01 4.62
CA VAL B 211 4.08 -18.29 5.75
C VAL B 211 3.92 -19.21 6.95
N PHE B 212 4.36 -18.78 8.13
CA PHE B 212 4.05 -19.48 9.36
C PHE B 212 2.96 -18.71 10.11
N GLN B 213 2.64 -19.14 11.32
CA GLN B 213 1.39 -18.76 11.97
C GLN B 213 1.64 -17.83 13.15
N HIS B 214 1.50 -16.55 12.95
CA HIS B 214 1.65 -15.58 13.99
C HIS B 214 2.36 -15.97 15.26
N ASN B 215 3.65 -15.87 15.19
CA ASN B 215 4.51 -16.01 16.36
C ASN B 215 4.06 -17.14 17.30
N THR B 216 3.94 -18.34 16.71
CA THR B 216 3.98 -19.60 17.44
C THR B 216 5.19 -20.35 16.92
N PRO B 217 6.35 -20.00 17.47
CA PRO B 217 7.66 -20.47 17.12
C PRO B 217 7.69 -21.94 16.93
N SER B 218 6.76 -22.66 17.51
CA SER B 218 6.80 -24.09 17.34
C SER B 218 6.49 -24.41 15.91
N HIS B 219 5.50 -23.75 15.40
CA HIS B 219 5.10 -23.96 14.07
C HIS B 219 6.10 -23.46 13.06
N LEU B 220 6.82 -22.42 13.41
CA LEU B 220 7.85 -21.94 12.55
C LEU B 220 8.85 -23.02 12.49
N GLU B 221 9.26 -23.62 13.60
CA GLU B 221 10.21 -24.71 13.56
C GLU B 221 9.80 -25.78 12.65
N ARG B 222 8.57 -26.23 12.75
CA ARG B 222 8.17 -27.29 11.83
C ARG B 222 8.24 -26.90 10.37
N VAL B 223 7.76 -25.73 10.00
CA VAL B 223 7.86 -25.36 8.63
C VAL B 223 9.25 -25.27 8.16
N LEU B 224 10.09 -24.68 8.95
CA LEU B 224 11.45 -24.58 8.62
C LEU B 224 12.07 -25.89 8.32
N ARG B 225 11.96 -26.89 9.21
CA ARG B 225 12.62 -28.16 8.91
C ARG B 225 12.08 -28.75 7.68
N GLU B 226 10.77 -28.76 7.58
CA GLU B 226 10.15 -29.35 6.44
C GLU B 226 10.59 -28.73 5.12
N GLN B 227 10.65 -27.43 5.09
CA GLN B 227 11.00 -26.74 3.90
C GLN B 227 12.36 -27.02 3.59
N ILE B 228 13.27 -27.04 4.54
CA ILE B 228 14.62 -27.34 4.20
C ILE B 228 14.79 -28.68 3.61
N ALA B 229 14.06 -29.69 4.06
CA ALA B 229 14.18 -30.96 3.38
C ALA B 229 13.78 -30.81 1.94
N GLU B 230 12.50 -30.69 1.83
CA GLU B 230 11.85 -30.66 0.57
C GLU B 230 12.66 -30.07 -0.47
N GLY B 231 13.92 -29.78 -0.23
CA GLY B 231 14.75 -29.20 -1.27
C GLY B 231 14.18 -27.95 -1.91
N GLN B 232 14.20 -27.83 -3.23
CA GLN B 232 13.56 -26.67 -3.82
C GLN B 232 12.10 -26.86 -4.10
N PRO B 233 11.60 -26.20 -5.08
CA PRO B 233 10.18 -26.26 -5.34
C PRO B 233 9.83 -27.55 -5.93
N ARG B 234 10.27 -27.81 -7.15
CA ARG B 234 9.94 -29.08 -7.82
C ARG B 234 11.10 -29.48 -8.66
N THR B 235 12.26 -29.09 -8.26
CA THR B 235 13.47 -29.40 -8.95
C THR B 235 14.50 -29.91 -8.01
N HIS B 236 14.23 -29.85 -6.74
CA HIS B 236 15.09 -30.32 -5.75
C HIS B 236 16.49 -29.93 -5.78
N ARG B 237 16.72 -28.69 -5.99
CA ARG B 237 18.04 -28.22 -5.70
C ARG B 237 17.90 -27.70 -4.26
N PRO B 238 19.01 -27.40 -3.65
CA PRO B 238 18.94 -26.83 -2.32
C PRO B 238 18.79 -25.31 -2.50
N TRP B 239 18.09 -24.55 -1.67
CA TRP B 239 18.03 -23.12 -1.93
C TRP B 239 19.24 -22.45 -1.43
N LYS B 240 19.43 -21.22 -1.78
CA LYS B 240 20.63 -20.57 -1.37
C LYS B 240 20.51 -19.65 -0.21
N LYS B 241 19.32 -19.20 0.08
CA LYS B 241 19.12 -18.31 1.21
C LYS B 241 17.75 -18.58 1.80
N ILE B 242 17.62 -18.38 3.10
CA ILE B 242 16.34 -18.37 3.77
C ILE B 242 16.30 -17.17 4.70
N ILE B 243 15.23 -16.38 4.61
CA ILE B 243 15.08 -15.16 5.38
C ILE B 243 13.75 -15.21 6.11
N VAL B 244 13.78 -14.87 7.40
CA VAL B 244 12.61 -14.90 8.26
C VAL B 244 12.29 -13.48 8.67
N VAL B 245 11.13 -12.98 8.23
CA VAL B 245 10.73 -11.60 8.44
C VAL B 245 9.73 -11.56 9.59
N VAL B 246 10.04 -10.79 10.63
CA VAL B 246 9.14 -10.62 11.77
C VAL B 246 9.01 -9.13 12.07
N GLU B 247 8.06 -8.81 12.95
CA GLU B 247 7.78 -7.45 13.33
C GLU B 247 7.81 -7.32 14.85
N GLY B 248 8.16 -6.12 15.33
CA GLY B 248 8.37 -5.92 16.74
C GLY B 248 7.12 -6.09 17.58
N ILE B 249 6.18 -5.16 17.48
CA ILE B 249 4.86 -5.33 18.08
C ILE B 249 3.86 -5.35 16.94
N TYR B 250 3.09 -6.43 16.85
CA TYR B 250 2.18 -6.58 15.73
C TYR B 250 0.93 -5.74 15.98
N SER B 251 0.82 -4.65 15.25
CA SER B 251 -0.30 -3.72 15.38
C SER B 251 -1.57 -4.42 14.93
N MET B 252 -2.71 -3.78 15.19
CA MET B 252 -4.05 -4.30 14.93
C MET B 252 -4.20 -5.73 15.45
N GLU B 253 -3.30 -6.14 16.34
CA GLU B 253 -3.50 -7.35 17.12
C GLU B 253 -2.98 -7.12 18.53
N GLY B 254 -2.36 -5.97 18.76
CA GLY B 254 -1.79 -5.67 20.06
C GLY B 254 -0.54 -6.45 20.39
N GLU B 255 -0.59 -7.77 20.16
CA GLU B 255 0.40 -8.73 20.63
C GLU B 255 1.84 -8.36 20.28
N ILE B 256 2.76 -8.76 21.16
CA ILE B 256 4.18 -8.50 21.00
C ILE B 256 4.84 -9.77 20.47
N CYS B 257 6.09 -9.67 20.02
CA CYS B 257 6.74 -10.78 19.33
C CYS B 257 7.64 -11.57 20.27
N HIS B 258 7.78 -12.86 19.97
CA HIS B 258 8.53 -13.76 20.81
C HIS B 258 9.97 -13.85 20.41
N LEU B 259 10.71 -12.84 20.80
CA LEU B 259 12.05 -12.83 20.36
C LEU B 259 13.01 -13.85 20.70
N PRO B 260 13.25 -14.15 21.94
CA PRO B 260 14.26 -15.17 22.20
C PRO B 260 13.97 -16.51 21.56
N GLU B 261 12.72 -16.94 21.58
CA GLU B 261 12.39 -18.19 20.94
C GLU B 261 12.69 -18.13 19.50
N VAL B 262 12.26 -17.10 18.82
CA VAL B 262 12.53 -17.09 17.42
C VAL B 262 13.95 -17.00 17.14
N VAL B 263 14.70 -16.22 17.87
CA VAL B 263 16.09 -16.16 17.56
C VAL B 263 16.77 -17.51 17.74
N ALA B 264 16.46 -18.28 18.76
CA ALA B 264 17.16 -19.56 18.86
C ALA B 264 16.73 -20.48 17.76
N ILE B 265 15.46 -20.47 17.37
CA ILE B 265 15.11 -21.36 16.25
C ILE B 265 15.73 -20.91 14.97
N CYS B 266 15.97 -19.63 14.75
CA CYS B 266 16.61 -19.20 13.55
C CYS B 266 18.05 -19.39 13.59
N LYS B 267 18.67 -19.64 14.72
CA LYS B 267 20.06 -19.99 14.70
C LYS B 267 20.20 -21.48 14.74
N LYS B 268 19.11 -22.21 14.78
CA LYS B 268 19.23 -23.61 14.70
C LYS B 268 19.54 -23.89 13.30
N TYR B 269 18.56 -23.65 12.46
CA TYR B 269 18.69 -24.04 11.04
C TYR B 269 19.22 -22.90 10.18
N LYS B 270 20.28 -22.25 10.63
CA LYS B 270 21.07 -21.31 9.83
C LYS B 270 20.26 -20.31 9.01
N ALA B 271 19.04 -20.00 9.43
CA ALA B 271 18.24 -19.02 8.72
C ALA B 271 18.60 -17.61 9.16
N TYR B 272 18.20 -16.63 8.35
CA TYR B 272 18.50 -15.24 8.60
C TYR B 272 17.29 -14.51 9.16
N VAL B 273 17.56 -13.43 9.88
CA VAL B 273 16.54 -12.68 10.59
C VAL B 273 16.42 -11.31 9.95
N TYR B 274 15.22 -10.74 10.01
CA TYR B 274 14.95 -9.43 9.42
C TYR B 274 13.91 -8.76 10.31
N LEU B 275 14.37 -7.94 11.26
CA LEU B 275 13.46 -7.32 12.20
C LEU B 275 12.76 -6.12 11.57
N ASP B 276 11.57 -5.82 12.08
CA ASP B 276 10.77 -4.70 11.60
C ASP B 276 10.15 -3.98 12.80
N GLU B 277 10.88 -3.03 13.36
CA GLU B 277 10.45 -2.32 14.55
C GLU B 277 9.91 -0.94 14.20
N ALA B 278 8.75 -0.94 13.55
CA ALA B 278 8.11 0.33 13.18
C ALA B 278 7.34 0.92 14.36
N HIS B 279 6.36 0.18 14.87
CA HIS B 279 5.53 0.66 15.97
C HIS B 279 6.26 0.69 17.30
N SER B 280 7.45 0.13 17.40
CA SER B 280 8.05 -0.14 18.69
C SER B 280 9.50 0.32 18.71
N ILE B 281 9.76 1.55 18.29
CA ILE B 281 11.12 2.08 18.34
C ILE B 281 11.16 3.29 19.25
N GLY B 282 9.99 3.78 19.65
CA GLY B 282 9.97 4.90 20.57
C GLY B 282 9.10 4.61 21.78
N ALA B 283 8.20 3.64 21.63
CA ALA B 283 7.28 3.34 22.71
C ALA B 283 7.92 2.45 23.77
N ILE B 284 8.27 1.22 23.37
CA ILE B 284 8.63 0.23 24.37
C ILE B 284 10.13 0.28 24.62
N GLY B 285 10.52 0.26 25.88
CA GLY B 285 11.92 0.27 26.26
C GLY B 285 12.17 1.10 27.49
N LYS B 286 12.90 0.54 28.46
CA LYS B 286 13.23 1.28 29.66
C LYS B 286 13.98 2.56 29.33
N THR B 287 14.70 2.58 28.21
CA THR B 287 15.35 3.77 27.71
C THR B 287 14.71 4.28 26.42
N GLY B 288 13.96 3.43 25.72
CA GLY B 288 13.29 3.85 24.51
C GLY B 288 13.98 3.32 23.26
N LYS B 289 14.57 2.13 23.38
CA LYS B 289 15.37 1.57 22.30
C LYS B 289 14.62 0.57 21.43
N GLY B 290 13.47 0.06 21.87
CA GLY B 290 12.72 -0.85 21.04
C GLY B 290 12.40 -2.12 21.79
N ILE B 291 12.42 -3.24 21.06
CA ILE B 291 12.17 -4.55 21.67
C ILE B 291 13.46 -5.26 22.04
N CYS B 292 14.57 -4.91 21.39
CA CYS B 292 15.88 -5.47 21.70
C CYS B 292 16.40 -5.02 23.04
N GLU B 293 15.74 -4.07 23.70
CA GLU B 293 16.07 -3.70 25.06
C GLU B 293 15.04 -4.28 26.02
N LEU B 294 13.78 -4.28 25.59
CA LEU B 294 12.73 -4.81 26.45
C LEU B 294 12.92 -6.28 26.74
N LEU B 295 13.07 -7.10 25.69
CA LEU B 295 13.10 -8.54 25.85
C LEU B 295 14.50 -9.08 26.10
N GLY B 296 15.49 -8.21 26.19
CA GLY B 296 16.84 -8.65 26.50
C GLY B 296 17.44 -9.57 25.45
N VAL B 297 17.28 -9.23 24.18
CA VAL B 297 17.88 -9.94 23.07
C VAL B 297 19.11 -9.15 22.64
N ASP B 298 20.24 -9.83 22.48
CA ASP B 298 21.44 -9.15 22.01
C ASP B 298 21.24 -8.65 20.59
N THR B 299 21.69 -7.43 20.34
CA THR B 299 21.48 -6.79 19.05
C THR B 299 22.63 -7.12 18.10
N ALA B 300 22.92 -8.42 18.03
CA ALA B 300 23.84 -8.98 17.07
C ALA B 300 23.32 -10.25 16.43
N ASP B 301 22.24 -10.83 16.95
CA ASP B 301 21.63 -12.02 16.39
C ASP B 301 20.63 -11.70 15.30
N VAL B 302 20.36 -10.41 15.05
CA VAL B 302 19.52 -9.97 13.94
C VAL B 302 20.42 -9.30 12.93
N ASP B 303 20.18 -9.57 11.65
CA ASP B 303 21.09 -9.09 10.62
C ASP B 303 20.61 -7.82 9.94
N VAL B 304 19.32 -7.52 9.96
CA VAL B 304 18.79 -6.29 9.39
C VAL B 304 17.68 -5.78 10.29
N MET B 305 17.67 -4.49 10.62
CA MET B 305 16.56 -3.88 11.32
C MET B 305 16.06 -2.70 10.51
N MET B 306 14.76 -2.70 10.20
CA MET B 306 14.15 -1.57 9.52
C MET B 306 13.17 -0.91 10.47
N GLY B 307 13.13 0.43 10.45
CA GLY B 307 12.25 1.19 11.30
C GLY B 307 11.67 2.39 10.57
N THR B 308 10.91 3.18 11.30
CA THR B 308 10.20 4.29 10.69
C THR B 308 10.07 5.44 11.68
N PHE B 309 10.41 6.64 11.25
CA PHE B 309 10.38 7.78 12.16
C PHE B 309 9.00 8.41 12.28
N THR B 310 8.06 7.91 11.53
CA THR B 310 6.75 8.51 11.54
C THR B 310 5.96 8.33 12.78
N LYS B 311 5.82 7.13 13.27
CA LYS B 311 5.03 6.93 14.43
C LYS B 311 5.59 7.28 15.77
N SER B 312 6.66 8.04 15.90
CA SER B 312 7.18 8.32 17.21
C SER B 312 8.01 9.50 17.27
N PHE B 313 8.51 9.93 16.14
CA PHE B 313 9.35 11.06 16.17
C PHE B 313 8.78 12.23 15.50
N GLY B 314 7.63 12.10 14.89
CA GLY B 314 7.05 13.23 14.27
C GLY B 314 7.89 13.68 13.14
N SER B 315 8.09 12.78 12.22
CA SER B 315 8.77 13.09 11.01
C SER B 315 8.42 12.10 9.96
N CYS B 316 9.13 12.12 8.86
CA CYS B 316 8.78 11.19 7.82
C CYS B 316 9.95 10.56 7.17
N GLY B 317 10.33 9.37 7.58
CA GLY B 317 11.48 8.73 6.98
C GLY B 317 11.48 7.24 7.05
N GLY B 318 12.63 6.64 7.25
CA GLY B 318 12.81 5.20 7.32
C GLY B 318 14.28 4.87 7.26
N TYR B 319 14.72 3.81 7.93
CA TYR B 319 16.15 3.55 8.02
C TYR B 319 16.41 2.05 7.97
N ILE B 320 17.67 1.70 7.75
CA ILE B 320 18.16 0.33 7.80
C ILE B 320 19.46 0.34 8.60
N ALA B 321 19.60 -0.61 9.52
CA ALA B 321 20.82 -0.75 10.29
C ALA B 321 21.26 -2.20 10.21
N GLY B 322 22.56 -2.41 10.16
CA GLY B 322 23.08 -3.75 10.02
C GLY B 322 24.58 -3.75 9.99
N SER B 323 25.14 -4.89 9.60
CA SER B 323 26.58 -5.04 9.53
C SER B 323 27.17 -4.01 8.57
N LYS B 324 28.37 -3.56 8.86
CA LYS B 324 28.95 -2.47 8.06
C LYS B 324 29.20 -2.87 6.62
N GLU B 325 29.20 -4.16 6.30
CA GLU B 325 29.30 -4.60 4.91
C GLU B 325 27.98 -4.40 4.19
N LEU B 326 26.88 -4.73 4.86
CA LEU B 326 25.56 -4.64 4.23
C LEU B 326 25.22 -3.21 3.86
N ILE B 327 25.65 -2.25 4.67
CA ILE B 327 25.35 -0.85 4.37
C ILE B 327 26.08 -0.40 3.12
N GLN B 328 27.34 -0.80 2.96
CA GLN B 328 28.05 -0.43 1.73
C GLN B 328 27.43 -1.12 0.52
N TYR B 329 27.02 -2.38 0.66
CA TYR B 329 26.38 -3.05 -0.46
C TYR B 329 25.09 -2.34 -0.86
N LEU B 330 24.28 -1.94 0.12
CA LEU B 330 23.05 -1.20 -0.20
C LEU B 330 23.35 0.17 -0.79
N LYS B 331 24.30 0.89 -0.23
CA LYS B 331 24.71 2.19 -0.77
C LYS B 331 25.18 2.08 -2.21
N HIS B 332 25.68 0.92 -2.62
CA HIS B 332 26.12 0.78 -4.01
C HIS B 332 25.14 0.01 -4.90
N GLN B 333 24.06 -0.55 -4.36
CA GLN B 333 23.13 -1.29 -5.21
C GLN B 333 21.65 -1.10 -4.91
N CYS B 334 21.27 -0.21 -4.00
CA CYS B 334 19.84 -0.12 -3.67
C CYS B 334 19.18 0.93 -4.55
N PRO B 335 18.12 0.56 -5.29
CA PRO B 335 17.51 1.50 -6.23
C PRO B 335 16.97 2.76 -5.58
N ALA B 336 16.35 2.65 -4.40
CA ALA B 336 15.81 3.81 -3.71
C ALA B 336 16.88 4.62 -2.99
N HIS B 337 18.15 4.31 -3.20
CA HIS B 337 19.24 5.18 -2.80
C HIS B 337 19.86 5.91 -3.99
N LEU B 338 20.01 5.24 -5.12
CA LEU B 338 20.56 5.86 -6.31
C LEU B 338 19.56 6.76 -7.02
N TYR B 339 18.28 6.40 -7.05
CA TYR B 339 17.33 7.06 -7.93
C TYR B 339 16.45 8.09 -7.24
N ALA B 340 15.99 7.82 -6.02
CA ALA B 340 15.03 8.69 -5.35
C ALA B 340 15.72 9.93 -4.80
N THR B 341 14.92 10.97 -4.61
CA THR B 341 15.42 12.23 -4.07
C THR B 341 15.61 12.11 -2.55
N SER B 342 16.63 12.78 -2.04
CA SER B 342 17.01 12.63 -0.65
C SER B 342 15.90 13.10 0.29
N ILE B 343 16.05 12.76 1.56
CA ILE B 343 15.08 13.13 2.59
C ILE B 343 15.16 14.63 2.85
N PRO B 344 14.03 15.32 3.02
CA PRO B 344 14.09 16.77 3.23
C PRO B 344 14.87 17.14 4.49
N THR B 345 15.55 18.28 4.42
CA THR B 345 16.44 18.67 5.52
C THR B 345 15.70 18.94 6.83
N PRO B 346 14.60 19.71 6.85
CA PRO B 346 13.93 19.95 8.15
C PRO B 346 13.51 18.69 8.88
N SER B 347 13.00 17.68 8.16
CA SER B 347 12.69 16.41 8.79
C SER B 347 13.93 15.72 9.35
N ALA B 348 15.05 15.78 8.63
CA ALA B 348 16.29 15.23 9.15
C ALA B 348 16.67 15.88 10.46
N GLN B 349 16.64 17.22 10.53
CA GLN B 349 17.04 17.79 11.81
C GLN B 349 15.98 17.62 12.89
N GLN B 350 14.71 17.40 12.53
CA GLN B 350 13.80 17.08 13.62
C GLN B 350 14.10 15.70 14.18
N ILE B 351 14.48 14.73 13.34
CA ILE B 351 14.87 13.43 13.87
C ILE B 351 16.08 13.58 14.79
N ILE B 352 17.07 14.36 14.34
CA ILE B 352 18.24 14.60 15.19
C ILE B 352 17.81 15.18 16.54
N SER B 353 16.94 16.19 16.51
CA SER B 353 16.53 16.85 17.74
C SER B 353 15.76 15.91 18.65
N ALA B 354 14.87 15.08 18.09
CA ALA B 354 14.11 14.16 18.91
C ALA B 354 15.00 13.11 19.55
N ILE B 355 15.97 12.58 18.82
CA ILE B 355 16.87 11.62 19.44
C ILE B 355 17.73 12.30 20.50
N LYS B 356 18.13 13.55 20.28
CA LYS B 356 18.87 14.26 21.31
C LYS B 356 18.02 14.45 22.57
N VAL B 357 16.72 14.67 22.40
CA VAL B 357 15.84 14.81 23.57
C VAL B 357 15.71 13.49 24.31
N ILE B 358 15.46 12.39 23.59
CA ILE B 358 15.27 11.10 24.22
C ILE B 358 16.54 10.70 24.98
N LEU B 359 17.70 10.86 24.35
CA LEU B 359 18.95 10.47 25.00
C LEU B 359 19.27 11.41 26.15
N GLY B 360 18.45 12.45 26.35
CA GLY B 360 18.73 13.42 27.39
C GLY B 360 19.98 14.23 27.09
N GLU B 361 20.11 14.67 25.84
CA GLU B 361 21.27 15.44 25.41
C GLU B 361 20.92 16.92 25.17
N ASP B 362 19.77 17.37 25.66
CA ASP B 362 19.34 18.74 25.43
C ASP B 362 19.43 19.62 26.67
N GLY B 363 19.81 19.05 27.81
CA GLY B 363 19.84 19.81 29.03
C GLY B 363 18.95 19.23 30.11
N SER B 364 17.86 19.94 30.42
CA SER B 364 16.92 19.53 31.46
C SER B 364 16.26 18.20 31.10
N ASN B 365 15.62 17.59 32.09
CA ASN B 365 15.10 16.23 31.97
C ASN B 365 13.67 16.20 31.45
N ARG B 366 13.43 16.87 30.34
CA ARG B 366 12.11 16.83 29.73
C ARG B 366 11.83 15.47 29.10
N GLY B 367 12.78 14.97 28.31
CA GLY B 367 12.56 13.74 27.58
C GLY B 367 12.73 12.48 28.39
N ALA B 368 13.20 12.59 29.64
CA ALA B 368 13.36 11.42 30.48
C ALA B 368 12.07 10.96 31.13
N GLN B 369 10.99 11.75 31.02
CA GLN B 369 9.71 11.40 31.63
C GLN B 369 8.60 11.22 30.62
N LYS B 370 8.87 11.42 29.33
CA LYS B 370 7.88 11.06 28.30
C LYS B 370 7.62 9.57 28.29
N LEU B 371 8.65 8.76 28.45
CA LEU B 371 8.48 7.32 28.58
C LEU B 371 7.69 6.98 29.84
N ALA B 372 8.00 7.66 30.95
CA ALA B 372 7.23 7.44 32.18
C ALA B 372 5.77 7.75 31.95
N ARG B 373 5.48 8.86 31.26
CA ARG B 373 4.09 9.23 31.01
C ARG B 373 3.38 8.17 30.17
N ILE B 374 4.02 7.71 29.10
CA ILE B 374 3.35 6.73 28.25
C ILE B 374 3.11 5.44 29.00
N ARG B 375 4.03 5.04 29.88
CA ARG B 375 3.82 3.81 30.64
C ARG B 375 2.54 3.89 31.48
N GLU B 376 2.41 4.94 32.29
CA GLU B 376 1.24 5.09 33.15
C GLU B 376 -0.03 5.16 32.32
N ASN B 377 -0.02 6.01 31.29
CA ASN B 377 -1.22 6.19 30.48
C ASN B 377 -1.69 4.87 29.88
N SER B 378 -0.79 4.17 29.20
CA SER B 378 -1.17 2.94 28.53
C SER B 378 -1.63 1.88 29.53
N ASN B 379 -0.89 1.70 30.61
CA ASN B 379 -1.23 0.63 31.55
C ASN B 379 -2.58 0.90 32.21
N PHE B 380 -2.80 2.13 32.67
CA PHE B 380 -4.05 2.46 33.33
C PHE B 380 -5.24 2.34 32.37
N PHE B 381 -5.10 2.84 31.14
CA PHE B 381 -6.19 2.76 30.18
C PHE B 381 -6.53 1.32 29.85
N ARG B 382 -5.51 0.49 29.61
CA ARG B 382 -5.78 -0.91 29.25
C ARG B 382 -6.41 -1.66 30.42
N ALA B 383 -5.92 -1.44 31.64
CA ALA B 383 -6.49 -2.13 32.79
C ALA B 383 -7.94 -1.72 33.00
N GLU B 384 -8.25 -0.43 32.85
CA GLU B 384 -9.63 0.00 33.06
C GLU B 384 -10.56 -0.55 31.99
N LEU B 385 -10.14 -0.55 30.72
CA LEU B 385 -10.99 -1.14 29.69
C LEU B 385 -11.22 -2.62 29.94
N GLN B 386 -10.19 -3.34 30.40
CA GLN B 386 -10.40 -4.73 30.78
C GLN B 386 -11.42 -4.84 31.90
N LYS B 387 -11.34 -3.95 32.87
CA LYS B 387 -12.23 -4.01 34.02
C LYS B 387 -13.69 -3.79 33.62
N MET B 388 -13.94 -2.83 32.74
CA MET B 388 -15.33 -2.47 32.42
C MET B 388 -16.07 -3.56 31.66
N GLY B 389 -15.35 -4.52 31.06
CA GLY B 389 -15.99 -5.64 30.40
C GLY B 389 -15.75 -5.72 28.91
N PHE B 390 -14.82 -4.96 28.35
CA PHE B 390 -14.60 -4.94 26.91
C PHE B 390 -13.74 -6.13 26.49
N GLU B 391 -13.27 -6.08 25.25
CA GLU B 391 -12.44 -7.15 24.72
C GLU B 391 -11.14 -6.59 24.16
N VAL B 392 -10.48 -5.69 24.90
CA VAL B 392 -9.23 -5.14 24.43
C VAL B 392 -8.21 -6.26 24.28
N LEU B 393 -7.51 -6.28 23.15
CA LEU B 393 -6.53 -7.30 22.87
C LEU B 393 -5.15 -6.82 23.33
N GLY B 394 -4.14 -7.63 23.08
CA GLY B 394 -2.76 -7.19 23.16
C GLY B 394 -2.07 -7.62 24.44
N ASP B 395 -0.80 -7.24 24.51
CA ASP B 395 0.04 -7.42 25.68
C ASP B 395 -0.16 -6.28 26.66
N ASN B 396 0.74 -6.15 27.63
CA ASN B 396 0.46 -5.25 28.74
C ASN B 396 1.10 -3.87 28.66
N ASP B 397 2.11 -3.65 27.81
CA ASP B 397 2.78 -2.35 27.83
C ASP B 397 3.08 -1.83 26.42
N SER B 398 2.41 -2.35 25.41
CA SER B 398 2.48 -1.74 24.09
C SER B 398 1.31 -0.78 23.92
N PRO B 399 1.53 0.42 23.43
CA PRO B 399 0.47 1.43 23.50
C PRO B 399 -0.56 1.33 22.39
N VAL B 400 -1.03 0.13 22.10
CA VAL B 400 -2.12 -0.08 21.14
C VAL B 400 -3.08 -1.10 21.75
N MET B 401 -4.37 -0.77 21.72
CA MET B 401 -5.33 -1.60 22.41
C MET B 401 -6.63 -1.72 21.63
N PRO B 402 -6.63 -2.41 20.50
CA PRO B 402 -7.84 -2.48 19.68
C PRO B 402 -8.98 -3.17 20.41
N ILE B 403 -10.06 -2.42 20.63
CA ILE B 403 -11.33 -2.96 21.11
C ILE B 403 -11.92 -3.73 19.95
N MET B 404 -12.80 -4.69 20.25
CA MET B 404 -13.24 -5.60 19.20
C MET B 404 -14.76 -5.64 19.11
N LEU B 405 -15.28 -5.65 17.88
CA LEU B 405 -16.69 -5.33 17.58
C LEU B 405 -17.45 -6.49 16.96
N TYR B 406 -16.89 -7.14 15.95
CA TYR B 406 -17.38 -8.37 15.31
C TYR B 406 -18.57 -8.22 14.34
N ASN B 407 -19.18 -7.04 14.24
CA ASN B 407 -20.30 -6.92 13.32
C ASN B 407 -20.09 -5.72 12.39
N PRO B 408 -20.67 -5.74 11.19
CA PRO B 408 -20.50 -4.59 10.30
C PRO B 408 -21.25 -3.36 10.77
N ALA B 409 -22.48 -3.51 11.22
CA ALA B 409 -23.29 -2.36 11.59
C ALA B 409 -22.80 -1.72 12.88
N LYS B 410 -22.03 -2.47 13.68
CA LYS B 410 -21.52 -1.92 14.93
C LYS B 410 -20.52 -0.80 14.66
N ILE B 411 -19.92 -0.79 13.48
CA ILE B 411 -18.83 0.14 13.17
C ILE B 411 -19.39 1.55 13.01
N PRO B 412 -20.37 1.81 12.14
CA PRO B 412 -20.94 3.17 12.10
C PRO B 412 -21.52 3.61 13.43
N ALA B 413 -22.21 2.73 14.15
CA ALA B 413 -22.80 3.13 15.43
C ALA B 413 -21.73 3.61 16.39
N PHE B 414 -20.69 2.80 16.60
CA PHE B 414 -19.65 3.16 17.56
C PHE B 414 -18.92 4.42 17.13
N SER B 415 -18.49 4.48 15.86
CA SER B 415 -17.71 5.64 15.42
C SER B 415 -18.53 6.93 15.49
N ARG B 416 -19.78 6.89 15.03
CA ARG B 416 -20.62 8.09 15.05
C ARG B 416 -20.93 8.53 16.47
N GLU B 417 -21.23 7.58 17.35
CA GLU B 417 -21.50 7.95 18.74
C GLU B 417 -20.29 8.62 19.38
N CYS B 418 -19.11 8.01 19.22
CA CYS B 418 -17.91 8.61 19.77
C CYS B 418 -17.69 10.00 19.20
N LEU B 419 -17.90 10.18 17.90
CA LEU B 419 -17.72 11.49 17.30
C LEU B 419 -18.67 12.52 17.89
N ARG B 420 -19.94 12.14 18.08
CA ARG B 420 -20.90 13.09 18.64
C ARG B 420 -20.50 13.50 20.04
N GLN B 421 -20.04 12.56 20.87
CA GLN B 421 -19.56 13.01 22.18
C GLN B 421 -18.13 13.54 22.15
N LYS B 422 -17.62 13.93 20.99
CA LYS B 422 -16.32 14.56 20.85
C LYS B 422 -15.16 13.67 21.27
N VAL B 423 -15.07 12.49 20.65
CA VAL B 423 -13.93 11.58 20.80
C VAL B 423 -13.73 10.87 19.48
N ALA B 424 -12.55 10.98 18.90
CA ALA B 424 -12.28 10.48 17.56
C ALA B 424 -11.52 9.17 17.64
N VAL B 425 -12.06 8.13 17.00
CA VAL B 425 -11.45 6.81 16.98
C VAL B 425 -11.23 6.39 15.53
N VAL B 426 -10.71 5.17 15.35
CA VAL B 426 -10.34 4.65 14.04
C VAL B 426 -10.86 3.21 13.95
N VAL B 427 -11.83 2.98 13.08
CA VAL B 427 -12.45 1.67 12.93
C VAL B 427 -11.99 1.04 11.63
N VAL B 428 -11.81 -0.27 11.63
CA VAL B 428 -11.23 -0.99 10.50
C VAL B 428 -12.26 -2.00 9.99
N GLY B 429 -12.48 -2.01 8.68
CA GLY B 429 -13.57 -2.75 8.06
C GLY B 429 -13.27 -4.17 7.64
N PHE B 430 -14.01 -4.67 6.63
CA PHE B 430 -13.92 -6.08 6.25
C PHE B 430 -12.66 -6.39 5.46
N PRO B 431 -12.40 -5.76 4.31
CA PRO B 431 -11.26 -6.23 3.48
C PRO B 431 -9.94 -6.14 4.21
N ALA B 432 -9.74 -5.13 5.04
CA ALA B 432 -8.49 -4.97 5.77
C ALA B 432 -8.34 -5.98 6.90
N THR B 433 -9.40 -6.72 7.22
CA THR B 433 -9.39 -7.71 8.27
C THR B 433 -9.88 -9.03 7.71
N PRO B 434 -9.97 -10.09 8.51
CA PRO B 434 -10.80 -11.23 8.09
C PRO B 434 -12.27 -10.86 8.15
N LEU B 435 -13.16 -11.83 7.91
CA LEU B 435 -14.58 -11.50 7.89
C LEU B 435 -15.06 -11.11 9.29
N LEU B 436 -14.96 -12.02 10.25
CA LEU B 436 -15.52 -11.79 11.58
C LEU B 436 -14.85 -10.65 12.32
N LEU B 437 -13.52 -10.58 12.24
CA LEU B 437 -12.77 -9.73 13.15
C LEU B 437 -12.87 -8.28 12.72
N ALA B 438 -13.55 -7.46 13.51
CA ALA B 438 -13.80 -6.06 13.17
C ALA B 438 -13.39 -5.22 14.38
N ARG B 439 -12.20 -4.64 14.30
CA ARG B 439 -11.61 -3.94 15.43
C ARG B 439 -11.96 -2.47 15.40
N ALA B 440 -11.57 -1.77 16.46
CA ALA B 440 -11.60 -0.32 16.49
C ALA B 440 -10.46 0.14 17.37
N ARG B 441 -9.30 0.46 16.77
CA ARG B 441 -8.06 0.47 17.53
C ARG B 441 -7.79 1.83 18.14
N ILE B 442 -7.80 1.89 19.47
CA ILE B 442 -7.38 3.06 20.22
C ILE B 442 -5.85 3.11 20.19
N CYS B 443 -5.28 4.27 20.47
CA CYS B 443 -3.82 4.37 20.57
C CYS B 443 -3.46 5.58 21.40
N ILE B 444 -2.81 5.33 22.53
CA ILE B 444 -2.57 6.35 23.56
C ILE B 444 -1.35 7.18 23.20
N SER B 445 -1.24 8.37 23.78
CA SER B 445 -0.09 9.23 23.59
C SER B 445 0.43 9.64 24.95
N ALA B 446 1.67 10.11 24.98
CA ALA B 446 2.25 10.68 26.20
C ALA B 446 1.90 12.16 26.30
N SER B 447 0.86 12.56 25.57
CA SER B 447 0.33 13.91 25.65
C SER B 447 -1.08 14.00 26.20
N HIS B 448 -1.85 12.91 26.22
CA HIS B 448 -3.11 12.88 26.92
C HIS B 448 -2.86 13.05 28.41
N SER B 449 -3.71 13.81 29.08
CA SER B 449 -3.64 13.95 30.53
C SER B 449 -4.66 13.01 31.16
N ARG B 450 -4.58 12.88 32.48
CA ARG B 450 -5.49 12.02 33.23
C ARG B 450 -6.95 12.38 33.00
N GLU B 451 -7.25 13.67 32.95
CA GLU B 451 -8.63 14.10 32.77
C GLU B 451 -9.17 13.64 31.42
N ASP B 452 -8.37 13.76 30.37
CA ASP B 452 -8.83 13.35 29.05
C ASP B 452 -9.09 11.85 29.00
N LEU B 453 -8.24 11.07 29.64
CA LEU B 453 -8.46 9.62 29.67
C LEU B 453 -9.71 9.27 30.46
N ILE B 454 -9.95 9.96 31.57
CA ILE B 454 -11.18 9.71 32.33
C ILE B 454 -12.40 10.03 31.46
N ARG B 455 -12.37 11.15 30.76
CA ARG B 455 -13.48 11.54 29.90
C ARG B 455 -13.73 10.49 28.83
N ALA B 456 -12.66 10.07 28.16
CA ALA B 456 -12.83 9.06 27.10
C ALA B 456 -13.32 7.75 27.66
N LEU B 457 -12.91 7.39 28.87
CA LEU B 457 -13.40 6.15 29.47
C LEU B 457 -14.90 6.23 29.74
N LYS B 458 -15.37 7.37 30.26
CA LYS B 458 -16.80 7.54 30.46
C LYS B 458 -17.56 7.43 29.14
N VAL B 459 -17.05 8.11 28.10
CA VAL B 459 -17.75 8.11 26.81
C VAL B 459 -17.78 6.71 26.21
N ILE B 460 -16.65 6.01 26.21
CA ILE B 460 -16.60 4.69 25.62
C ILE B 460 -17.48 3.73 26.40
N SER B 461 -17.55 3.89 27.73
CA SER B 461 -18.45 3.05 28.51
C SER B 461 -19.90 3.28 28.12
N LYS B 462 -20.30 4.54 27.99
CA LYS B 462 -21.67 4.84 27.60
C LYS B 462 -22.00 4.23 26.24
N VAL B 463 -21.10 4.42 25.27
CA VAL B 463 -21.35 3.90 23.93
C VAL B 463 -21.36 2.38 23.92
N GLY B 464 -20.47 1.75 24.68
CA GLY B 464 -20.46 0.29 24.73
C GLY B 464 -21.71 -0.26 25.38
N ASP B 465 -22.24 0.44 26.37
CA ASP B 465 -23.51 0.06 26.97
C ASP B 465 -24.63 0.15 25.95
N LEU B 466 -24.62 1.22 25.14
CA LEU B 466 -25.70 1.42 24.19
C LEU B 466 -25.55 0.55 22.94
N SER B 467 -24.38 -0.02 22.67
CA SER B 467 -24.20 -0.85 21.48
C SER B 467 -23.97 -2.32 21.80
N GLY B 468 -23.81 -2.69 23.07
CA GLY B 468 -23.64 -4.08 23.44
C GLY B 468 -22.34 -4.74 23.01
N ILE B 469 -21.20 -4.09 23.25
CA ILE B 469 -19.91 -4.64 22.87
C ILE B 469 -19.10 -5.04 24.10
N LYS B 470 -19.74 -5.13 25.27
CA LYS B 470 -19.05 -5.53 26.50
C LYS B 470 -19.07 -7.06 26.62
N TYR B 471 -18.38 -7.71 25.68
CA TYR B 471 -18.57 -9.15 25.47
C TYR B 471 -18.16 -9.96 26.69
N PHE B 472 -16.95 -9.76 27.20
CA PHE B 472 -16.55 -10.44 28.42
C PHE B 472 -17.41 -10.01 29.60
N PRO B 473 -17.56 -10.85 30.61
CA PRO B 473 -18.39 -10.50 31.76
C PRO B 473 -17.93 -9.23 32.44
N ALA B 474 -18.89 -8.42 32.90
CA ALA B 474 -18.58 -7.13 33.49
C ALA B 474 -17.91 -7.30 34.84
N GLU B 475 -17.64 -6.19 35.52
CA GLU B 475 -17.00 -6.23 36.81
C GLU B 475 -17.41 -5.05 37.68
N PRO C 12 -3.81 -19.99 7.71
CA PRO C 12 -3.84 -18.80 6.86
C PRO C 12 -4.75 -18.88 5.63
N ASP C 13 -4.44 -19.80 4.71
CA ASP C 13 -5.05 -19.89 3.38
C ASP C 13 -4.76 -18.68 2.51
N MET C 14 -4.21 -17.62 3.12
CA MET C 14 -3.78 -16.39 2.45
C MET C 14 -4.70 -15.99 1.29
N ASN C 15 -6.01 -16.00 1.52
CA ASN C 15 -6.97 -15.58 0.50
C ASN C 15 -8.25 -15.13 1.20
N ARG C 16 -8.47 -13.82 1.22
CA ARG C 16 -9.61 -13.24 1.93
C ARG C 16 -10.93 -13.78 1.40
N ALA C 17 -10.96 -14.17 0.13
CA ALA C 17 -12.22 -14.57 -0.51
C ALA C 17 -12.60 -16.01 -0.24
N THR C 18 -11.70 -16.84 0.29
CA THR C 18 -12.03 -18.24 0.54
C THR C 18 -11.68 -18.73 1.93
N GLU C 19 -11.00 -17.92 2.75
CA GLU C 19 -10.54 -18.37 4.05
C GLU C 19 -11.62 -18.23 5.12
N TRP C 20 -12.67 -17.48 4.85
CA TRP C 20 -13.70 -17.21 5.85
C TRP C 20 -14.55 -18.44 6.15
N PHE C 21 -14.41 -19.51 5.37
CA PHE C 21 -15.17 -20.73 5.58
C PHE C 21 -14.43 -21.66 6.52
N MET C 22 -14.02 -21.08 7.64
CA MET C 22 -13.31 -21.85 8.65
C MET C 22 -13.50 -21.44 10.07
N TYR C 23 -14.32 -20.44 10.34
CA TYR C 23 -14.50 -20.06 11.70
C TYR C 23 -15.75 -20.66 12.18
N PRO C 24 -15.77 -21.01 13.44
CA PRO C 24 -16.84 -21.64 14.19
C PRO C 24 -18.17 -21.13 13.81
N GLY C 25 -19.08 -21.97 13.36
CA GLY C 25 -20.39 -21.47 13.06
C GLY C 25 -20.91 -21.54 11.66
N VAL C 26 -20.03 -21.45 10.66
CA VAL C 26 -20.44 -21.46 9.26
C VAL C 26 -21.42 -22.51 8.93
N TRP C 27 -21.13 -23.75 9.30
CA TRP C 27 -22.00 -24.88 9.06
C TRP C 27 -23.38 -24.70 9.51
N THR C 28 -23.57 -24.11 10.66
CA THR C 28 -24.87 -23.84 11.09
C THR C 28 -25.44 -22.74 10.22
N THR C 29 -25.02 -21.53 10.49
CA THR C 29 -25.63 -20.52 9.70
C THR C 29 -26.35 -21.15 8.57
N TYR C 30 -25.64 -21.82 7.67
CA TYR C 30 -26.21 -22.41 6.46
C TYR C 30 -27.53 -23.09 6.60
N MET C 31 -27.59 -23.97 7.55
CA MET C 31 -28.80 -24.68 7.79
C MET C 31 -29.81 -23.74 8.31
N LEU C 32 -29.43 -22.84 9.17
CA LEU C 32 -30.38 -21.94 9.68
C LEU C 32 -30.95 -21.10 8.58
N ILE C 33 -30.19 -20.62 7.62
CA ILE C 33 -30.74 -19.85 6.53
C ILE C 33 -31.72 -20.64 5.75
N LEU C 34 -31.40 -21.89 5.45
CA LEU C 34 -32.37 -22.65 4.67
C LEU C 34 -33.64 -22.88 5.41
N PHE C 35 -33.53 -23.15 6.69
CA PHE C 35 -34.71 -23.34 7.48
C PHE C 35 -35.58 -22.13 7.45
N PHE C 36 -34.96 -20.98 7.65
CA PHE C 36 -35.61 -19.72 7.61
C PHE C 36 -36.32 -19.57 6.29
N GLY C 37 -35.63 -19.83 5.19
CA GLY C 37 -36.22 -19.74 3.88
C GLY C 37 -37.52 -20.49 3.76
N TRP C 38 -37.50 -21.74 4.19
CA TRP C 38 -38.68 -22.59 4.16
C TRP C 38 -39.81 -21.91 4.83
N LEU C 39 -39.56 -21.57 6.09
CA LEU C 39 -40.54 -20.91 6.88
C LEU C 39 -41.16 -19.75 6.21
N VAL C 40 -40.32 -18.84 5.78
CA VAL C 40 -40.87 -17.65 5.21
C VAL C 40 -41.64 -17.87 3.97
N VAL C 41 -41.18 -18.75 3.12
CA VAL C 41 -41.89 -18.95 1.89
C VAL C 41 -43.23 -19.52 2.13
N LEU C 42 -43.33 -20.53 2.96
CA LEU C 42 -44.66 -21.10 3.13
C LEU C 42 -45.56 -20.16 3.83
N SER C 43 -45.05 -19.39 4.76
CA SER C 43 -45.90 -18.46 5.42
C SER C 43 -46.41 -17.41 4.48
N VAL C 44 -45.58 -16.79 3.67
CA VAL C 44 -46.04 -15.66 2.91
C VAL C 44 -47.17 -15.91 2.00
N SER C 45 -47.18 -17.09 1.43
CA SER C 45 -48.31 -17.52 0.61
C SER C 45 -48.55 -19.00 0.91
N GLY C 46 -49.83 -19.36 1.06
CA GLY C 46 -50.18 -20.72 1.42
C GLY C 46 -49.61 -21.77 0.49
N CYS C 47 -48.85 -22.71 1.06
CA CYS C 47 -48.23 -23.77 0.28
C CYS C 47 -48.14 -25.01 1.15
N SER C 48 -48.07 -26.16 0.51
CA SER C 48 -47.79 -27.32 1.32
C SER C 48 -46.28 -27.45 1.54
N PRO C 49 -45.87 -28.06 2.64
CA PRO C 49 -44.44 -28.20 2.93
C PRO C 49 -43.61 -28.72 1.77
N GLY C 50 -44.13 -29.68 1.02
CA GLY C 50 -43.39 -30.18 -0.13
C GLY C 50 -43.16 -29.11 -1.18
N MET C 51 -44.18 -28.30 -1.45
CA MET C 51 -44.00 -27.20 -2.38
C MET C 51 -42.96 -26.23 -1.86
N ALA C 52 -42.98 -25.93 -0.57
CA ALA C 52 -41.99 -25.01 0.00
C ALA C 52 -40.58 -25.57 -0.16
N TRP C 53 -40.41 -26.87 0.09
CA TRP C 53 -39.08 -27.46 -0.05
C TRP C 53 -38.62 -27.48 -1.49
N THR C 54 -39.51 -27.71 -2.45
CA THR C 54 -39.06 -27.65 -3.84
C THR C 54 -38.69 -26.23 -4.23
N VAL C 55 -39.50 -25.29 -3.75
CA VAL C 55 -39.27 -23.88 -4.00
C VAL C 55 -37.93 -23.56 -3.39
N VAL C 56 -37.66 -24.18 -2.25
CA VAL C 56 -36.40 -23.97 -1.63
C VAL C 56 -35.31 -24.55 -2.45
N ASN C 57 -35.46 -25.78 -2.89
CA ASN C 57 -34.39 -26.40 -3.62
C ASN C 57 -34.03 -25.69 -4.87
N LEU C 58 -34.97 -25.32 -5.68
CA LEU C 58 -34.62 -24.63 -6.89
C LEU C 58 -34.04 -23.28 -6.62
N ALA C 59 -34.51 -22.59 -5.58
CA ALA C 59 -33.96 -21.30 -5.23
C ALA C 59 -32.53 -21.51 -4.96
N HIS C 60 -32.23 -22.44 -4.09
CA HIS C 60 -30.88 -22.68 -3.80
C HIS C 60 -30.03 -23.12 -4.95
N PHE C 61 -30.55 -23.88 -5.90
CA PHE C 61 -29.86 -24.35 -7.08
C PHE C 61 -29.38 -23.15 -7.71
N VAL C 62 -30.31 -22.29 -8.08
CA VAL C 62 -29.91 -21.07 -8.75
C VAL C 62 -28.85 -20.32 -8.02
N VAL C 63 -29.11 -20.09 -6.74
CA VAL C 63 -28.19 -19.32 -5.95
C VAL C 63 -26.81 -19.84 -5.95
N THR C 64 -26.63 -21.11 -5.66
CA THR C 64 -25.26 -21.51 -5.54
C THR C 64 -24.64 -21.87 -6.74
N TYR C 65 -25.41 -22.22 -7.72
CA TYR C 65 -24.74 -22.72 -8.87
C TYR C 65 -24.16 -21.63 -9.58
N HIS C 66 -24.81 -20.51 -9.53
CA HIS C 66 -24.31 -19.34 -10.19
C HIS C 66 -23.07 -18.89 -9.57
N SER C 67 -23.10 -18.70 -8.26
CA SER C 67 -21.93 -18.17 -7.62
C SER C 67 -20.72 -18.99 -7.77
N PHE C 68 -20.82 -20.23 -7.39
CA PHE C 68 -19.59 -20.94 -7.31
C PHE C 68 -19.12 -21.27 -8.67
N HIS C 69 -20.07 -21.72 -9.43
CA HIS C 69 -19.66 -22.27 -10.68
C HIS C 69 -19.70 -21.39 -11.83
N TRP C 70 -19.78 -20.09 -11.58
CA TRP C 70 -19.70 -19.23 -12.71
C TRP C 70 -19.07 -17.96 -12.29
N MET C 71 -18.63 -17.82 -11.03
CA MET C 71 -18.03 -16.51 -10.79
C MET C 71 -16.58 -16.57 -10.91
N LYS C 72 -16.05 -16.32 -12.06
CA LYS C 72 -14.61 -16.57 -12.00
C LYS C 72 -13.86 -15.33 -11.53
N GLY C 73 -13.07 -15.49 -10.51
CA GLY C 73 -12.13 -14.45 -10.12
C GLY C 73 -12.29 -14.10 -8.64
N THR C 74 -11.82 -12.91 -8.30
CA THR C 74 -11.92 -12.36 -6.96
C THR C 74 -12.25 -10.88 -7.08
N PRO C 75 -12.93 -10.30 -6.08
CA PRO C 75 -13.27 -8.88 -6.16
C PRO C 75 -12.15 -7.97 -5.71
N PHE C 76 -11.22 -8.51 -4.93
CA PHE C 76 -10.20 -7.68 -4.31
C PHE C 76 -9.08 -7.33 -5.29
N ALA C 77 -8.55 -6.12 -5.15
CA ALA C 77 -7.41 -5.67 -5.92
C ALA C 77 -6.09 -5.90 -5.21
N ASP C 78 -6.10 -6.66 -4.11
CA ASP C 78 -4.87 -6.97 -3.40
C ASP C 78 -3.89 -7.68 -4.31
N ASP C 79 -4.25 -8.88 -4.76
CA ASP C 79 -3.55 -9.59 -5.83
C ASP C 79 -4.03 -9.11 -7.18
N GLN C 80 -3.12 -8.79 -8.09
CA GLN C 80 -3.51 -8.24 -9.38
C GLN C 80 -4.55 -9.10 -10.07
N GLY C 81 -4.21 -10.31 -10.45
CA GLY C 81 -5.17 -11.20 -11.06
C GLY C 81 -4.91 -12.67 -10.79
N ILE C 82 -4.03 -12.98 -9.84
CA ILE C 82 -3.39 -14.28 -9.74
C ILE C 82 -4.38 -15.45 -9.77
N TYR C 83 -5.66 -15.19 -9.52
CA TYR C 83 -6.72 -16.17 -9.71
C TYR C 83 -7.68 -15.66 -10.79
N ASN C 84 -7.14 -15.17 -11.91
CA ASN C 84 -7.97 -14.54 -12.92
C ASN C 84 -9.08 -15.44 -13.42
N GLY C 85 -8.78 -16.67 -13.81
CA GLY C 85 -9.87 -17.59 -14.07
C GLY C 85 -9.81 -18.85 -13.24
N LEU C 86 -10.65 -18.90 -12.21
CA LEU C 86 -10.91 -20.07 -11.37
C LEU C 86 -12.21 -19.79 -10.65
N THR C 87 -13.24 -20.61 -10.89
CA THR C 87 -14.47 -20.46 -10.15
C THR C 87 -14.20 -20.55 -8.65
N TRP C 88 -15.07 -19.96 -7.85
CA TRP C 88 -14.86 -19.97 -6.40
C TRP C 88 -14.62 -21.38 -5.90
N TRP C 89 -15.34 -22.34 -6.46
CA TRP C 89 -15.24 -23.73 -6.03
C TRP C 89 -13.85 -24.30 -6.32
N GLU C 90 -13.17 -23.76 -7.32
CA GLU C 90 -11.82 -24.21 -7.62
C GLU C 90 -10.78 -23.61 -6.69
N GLN C 91 -11.13 -22.59 -5.93
CA GLN C 91 -10.18 -21.95 -5.03
C GLN C 91 -10.29 -22.45 -3.60
N MET C 92 -11.32 -23.22 -3.29
CA MET C 92 -11.59 -23.62 -1.91
C MET C 92 -10.51 -24.57 -1.42
N ASP C 93 -10.04 -24.34 -0.20
CA ASP C 93 -9.00 -25.16 0.43
C ASP C 93 -7.74 -25.26 -0.42
N ASN C 94 -7.52 -24.26 -1.27
CA ASN C 94 -6.35 -24.18 -2.13
C ASN C 94 -6.19 -25.46 -2.96
N GLY C 95 -7.30 -25.91 -3.51
CA GLY C 95 -7.30 -27.03 -4.42
C GLY C 95 -6.93 -28.36 -3.81
N GLN C 96 -6.94 -28.45 -2.48
CA GLN C 96 -6.76 -29.73 -1.79
C GLN C 96 -8.06 -30.53 -1.83
N GLN C 97 -8.25 -31.20 -2.96
CA GLN C 97 -9.51 -31.85 -3.32
C GLN C 97 -10.03 -32.78 -2.22
N LEU C 98 -11.34 -32.76 -2.02
CA LEU C 98 -12.04 -33.67 -1.11
C LEU C 98 -11.55 -33.52 0.33
N THR C 99 -11.82 -32.34 0.88
CA THR C 99 -11.66 -32.05 2.30
C THR C 99 -13.04 -31.92 2.94
N ARG C 100 -13.04 -31.76 4.27
CA ARG C 100 -14.28 -31.79 5.02
C ARG C 100 -15.25 -30.71 4.57
N ASN C 101 -14.76 -29.50 4.34
CA ASN C 101 -15.63 -28.43 3.84
C ASN C 101 -16.23 -28.82 2.50
N ARG C 102 -15.42 -29.36 1.60
CA ARG C 102 -15.92 -29.78 0.29
C ARG C 102 -16.96 -30.89 0.44
N LYS C 103 -16.71 -31.83 1.36
CA LYS C 103 -17.69 -32.88 1.60
C LYS C 103 -19.02 -32.32 2.08
N PHE C 104 -18.99 -31.30 2.95
CA PHE C 104 -20.24 -30.72 3.40
C PHE C 104 -20.97 -30.01 2.25
N LEU C 105 -20.24 -29.21 1.49
CA LEU C 105 -20.86 -28.49 0.37
C LEU C 105 -21.44 -29.46 -0.64
N THR C 106 -20.85 -30.64 -0.76
CA THR C 106 -21.42 -31.67 -1.63
C THR C 106 -22.61 -32.35 -0.98
N LEU C 107 -22.55 -32.55 0.33
CA LEU C 107 -23.59 -33.32 1.02
C LEU C 107 -24.92 -32.57 1.03
N VAL C 108 -24.88 -31.26 1.17
CA VAL C 108 -26.12 -30.49 1.35
C VAL C 108 -27.12 -30.71 0.22
N PRO C 109 -26.72 -30.63 -1.06
CA PRO C 109 -27.71 -30.90 -2.12
C PRO C 109 -28.35 -32.28 -2.04
N VAL C 110 -27.64 -33.28 -1.52
CA VAL C 110 -28.21 -34.63 -1.46
C VAL C 110 -29.36 -34.68 -0.49
N VAL C 111 -29.16 -34.15 0.72
CA VAL C 111 -30.25 -34.13 1.70
C VAL C 111 -31.39 -33.25 1.19
N LEU C 112 -31.06 -32.12 0.57
CA LEU C 112 -32.10 -31.26 0.04
C LEU C 112 -32.94 -31.99 -0.99
N TYR C 113 -32.29 -32.70 -1.92
CA TYR C 113 -33.01 -33.47 -2.93
C TYR C 113 -33.88 -34.53 -2.30
N LEU C 114 -33.32 -35.31 -1.38
CA LEU C 114 -34.09 -36.39 -0.77
C LEU C 114 -35.35 -35.87 -0.11
N ILE C 115 -35.22 -34.85 0.74
CA ILE C 115 -36.40 -34.40 1.48
C ILE C 115 -37.38 -33.67 0.56
N ALA C 116 -36.88 -32.87 -0.38
CA ALA C 116 -37.78 -32.10 -1.23
C ALA C 116 -38.52 -33.01 -2.20
N SER C 117 -37.96 -34.18 -2.51
CA SER C 117 -38.68 -35.15 -3.33
C SER C 117 -39.65 -35.96 -2.48
N HIS C 118 -39.18 -36.43 -1.32
CA HIS C 118 -40.00 -37.24 -0.43
C HIS C 118 -41.28 -36.52 -0.04
N THR C 119 -41.16 -35.27 0.40
CA THR C 119 -42.31 -34.56 0.95
C THR C 119 -43.32 -34.20 -0.14
N THR C 120 -42.93 -34.48 -1.35
CA THR C 120 -43.86 -34.35 -2.44
C THR C 120 -43.97 -35.73 -3.11
N ASP C 121 -43.63 -36.78 -2.34
CA ASP C 121 -43.66 -38.21 -2.67
C ASP C 121 -43.78 -38.55 -4.12
N TYR C 122 -42.73 -38.19 -4.84
CA TYR C 122 -42.57 -38.38 -6.25
C TYR C 122 -43.80 -38.31 -7.08
N ARG C 123 -44.33 -37.12 -7.32
CA ARG C 123 -45.48 -37.00 -8.21
C ARG C 123 -44.76 -36.74 -9.51
N HIS C 124 -44.79 -35.53 -10.00
CA HIS C 124 -44.10 -35.45 -11.25
C HIS C 124 -43.36 -34.28 -11.69
N PRO C 125 -44.04 -33.16 -11.84
CA PRO C 125 -43.38 -31.96 -12.34
C PRO C 125 -42.22 -31.63 -11.42
N TRP C 126 -42.56 -31.55 -10.14
CA TRP C 126 -41.57 -31.27 -9.15
C TRP C 126 -40.48 -32.31 -9.19
N LEU C 127 -40.83 -33.59 -9.26
CA LEU C 127 -39.77 -34.57 -9.25
C LEU C 127 -38.79 -34.45 -10.37
N PHE C 128 -39.26 -34.22 -11.57
CA PHE C 128 -38.31 -34.09 -12.65
C PHE C 128 -37.39 -32.90 -12.46
N LEU C 129 -37.98 -31.79 -12.04
CA LEU C 129 -37.16 -30.60 -11.81
C LEU C 129 -36.04 -30.84 -10.85
N ASN C 130 -36.37 -31.39 -9.70
CA ASN C 130 -35.30 -31.61 -8.76
C ASN C 130 -34.30 -32.64 -9.13
N THR C 131 -34.71 -33.63 -9.94
CA THR C 131 -33.77 -34.64 -10.40
C THR C 131 -32.69 -33.90 -11.12
N LEU C 132 -33.13 -33.10 -12.09
CA LEU C 132 -32.20 -32.31 -12.84
C LEU C 132 -31.30 -31.50 -11.94
N ALA C 133 -31.90 -30.79 -11.01
CA ALA C 133 -31.15 -29.98 -10.07
C ALA C 133 -30.02 -30.70 -9.38
N VAL C 134 -30.34 -31.62 -8.53
CA VAL C 134 -29.29 -32.23 -7.82
C VAL C 134 -28.25 -32.74 -8.75
N MET C 135 -28.66 -33.09 -9.94
CA MET C 135 -27.73 -33.72 -10.81
C MET C 135 -26.62 -32.79 -11.18
N VAL C 136 -27.00 -31.64 -11.69
CA VAL C 136 -26.02 -30.71 -12.10
C VAL C 136 -25.11 -30.27 -10.97
N LEU C 137 -25.68 -30.02 -9.81
CA LEU C 137 -24.86 -29.59 -8.71
C LEU C 137 -23.87 -30.62 -8.38
N VAL C 138 -24.27 -31.88 -8.29
CA VAL C 138 -23.23 -32.84 -7.96
C VAL C 138 -22.21 -33.00 -9.05
N VAL C 139 -22.63 -32.89 -10.29
CA VAL C 139 -21.73 -32.95 -11.41
C VAL C 139 -20.65 -31.93 -11.26
N ALA C 140 -20.99 -30.68 -10.93
CA ALA C 140 -20.02 -29.61 -10.74
C ALA C 140 -18.82 -30.03 -9.96
N LYS C 141 -19.04 -30.46 -8.75
CA LYS C 141 -17.95 -30.84 -7.94
C LYS C 141 -17.17 -31.84 -8.66
N PHE C 142 -16.92 -32.99 -8.02
CA PHE C 142 -16.15 -34.15 -8.50
C PHE C 142 -14.70 -33.94 -8.77
N PRO C 143 -13.86 -34.46 -7.90
CA PRO C 143 -12.40 -34.43 -7.86
C PRO C 143 -11.78 -34.46 -9.21
N ASN C 144 -12.14 -35.42 -10.05
CA ASN C 144 -11.59 -35.47 -11.37
C ASN C 144 -11.86 -34.19 -12.12
N MET C 145 -13.09 -33.70 -12.07
CA MET C 145 -13.43 -32.48 -12.79
C MET C 145 -12.81 -31.28 -12.18
N HIS C 146 -11.74 -30.84 -12.77
CA HIS C 146 -11.06 -29.70 -12.23
C HIS C 146 -10.39 -28.99 -13.36
N LYS C 147 -10.71 -27.71 -13.51
CA LYS C 147 -10.19 -26.86 -14.56
C LYS C 147 -10.46 -27.59 -15.86
N VAL C 148 -11.73 -27.84 -16.12
CA VAL C 148 -12.07 -28.59 -17.30
C VAL C 148 -13.43 -28.24 -17.83
N ARG C 149 -13.49 -27.62 -19.00
CA ARG C 149 -14.78 -27.27 -19.60
C ARG C 149 -15.25 -28.39 -20.49
N GLY D 36 -40.73 -45.95 -7.06
CA GLY D 36 -39.90 -46.76 -6.20
C GLY D 36 -38.92 -45.95 -5.38
N HIS D 37 -39.32 -45.62 -4.14
CA HIS D 37 -38.50 -44.79 -3.27
C HIS D 37 -37.21 -45.49 -2.88
N PHE D 38 -37.32 -46.79 -2.57
CA PHE D 38 -36.25 -47.53 -1.88
C PHE D 38 -34.93 -47.54 -2.64
N PHE D 39 -34.98 -47.76 -3.96
CA PHE D 39 -33.77 -47.90 -4.75
C PHE D 39 -32.93 -46.63 -4.71
N VAL D 40 -33.57 -45.47 -4.93
CA VAL D 40 -32.86 -44.20 -4.95
C VAL D 40 -32.29 -43.89 -3.58
N GLU D 41 -33.08 -44.11 -2.52
CA GLU D 41 -32.62 -43.82 -1.17
C GLU D 41 -31.42 -44.69 -0.80
N GLY D 42 -31.47 -45.98 -1.13
CA GLY D 42 -30.35 -46.86 -0.83
C GLY D 42 -29.10 -46.51 -1.61
N LEU D 43 -29.28 -46.25 -2.91
CA LEU D 43 -28.15 -45.84 -3.74
C LEU D 43 -27.51 -44.58 -3.19
N LEU D 44 -28.33 -43.60 -2.81
CA LEU D 44 -27.76 -42.37 -2.28
C LEU D 44 -27.13 -42.57 -0.91
N GLY D 45 -27.68 -43.46 -0.08
CA GLY D 45 -27.04 -43.75 1.19
C GLY D 45 -25.64 -44.29 1.02
N VAL D 46 -25.48 -45.26 0.13
CA VAL D 46 -24.12 -45.75 -0.14
C VAL D 46 -23.29 -44.66 -0.83
N VAL D 47 -23.96 -43.72 -1.51
CA VAL D 47 -23.23 -42.58 -2.10
C VAL D 47 -22.59 -41.73 -1.01
N ILE D 48 -23.36 -41.36 0.02
CA ILE D 48 -22.76 -40.63 1.13
C ILE D 48 -21.66 -41.45 1.78
N ILE D 49 -21.85 -42.76 1.92
CA ILE D 49 -20.81 -43.58 2.51
C ILE D 49 -19.52 -43.49 1.71
N ILE D 50 -19.65 -43.59 0.38
CA ILE D 50 -18.47 -43.51 -0.49
C ILE D 50 -17.78 -42.17 -0.36
N LEU D 51 -18.55 -41.08 -0.41
CA LEU D 51 -17.92 -39.76 -0.39
C LEU D 51 -17.23 -39.51 0.95
N LEU D 52 -17.85 -39.94 2.05
CA LEU D 52 -17.26 -39.70 3.36
C LEU D 52 -15.99 -40.50 3.55
N THR D 53 -16.03 -41.80 3.22
CA THR D 53 -14.93 -42.69 3.60
C THR D 53 -13.62 -42.33 2.90
N ARG D 54 -13.68 -41.54 1.82
CA ARG D 54 -12.46 -41.23 1.09
C ARG D 54 -11.57 -40.27 1.89
N LYS D 55 -10.45 -39.86 1.31
CA LYS D 55 -9.44 -39.12 2.05
C LYS D 55 -8.89 -38.02 1.17
N SER D 56 -8.38 -36.97 1.81
CA SER D 56 -7.83 -35.83 1.09
C SER D 56 -6.54 -36.18 0.37
N TYR D 57 -6.24 -35.42 -0.68
CA TYR D 57 -5.05 -35.65 -1.49
C TYR D 57 -4.79 -34.44 -2.36
N LYS D 58 -3.52 -34.08 -2.51
CA LYS D 58 -3.13 -32.93 -3.31
C LYS D 58 -3.29 -33.25 -4.81
N PRO D 59 -3.47 -32.23 -5.63
CA PRO D 59 -3.33 -32.40 -7.07
C PRO D 59 -1.87 -32.61 -7.42
N PRO D 60 -1.58 -33.12 -8.62
CA PRO D 60 -0.19 -33.44 -8.95
C PRO D 60 0.54 -32.29 -9.62
N LYS D 61 1.87 -32.40 -9.70
CA LYS D 61 2.70 -31.42 -10.39
C LYS D 61 2.90 -31.84 -11.85
N ARG D 62 3.82 -31.16 -12.55
CA ARG D 62 4.10 -31.50 -13.93
C ARG D 62 5.28 -32.47 -14.05
N MET E 22 -34.00 8.05 26.90
CA MET E 22 -34.17 6.84 26.08
C MET E 22 -34.80 5.73 26.91
N ASN E 23 -35.85 5.15 26.34
CA ASN E 23 -36.65 4.11 26.99
C ASN E 23 -36.21 2.72 26.70
N TRP E 24 -36.76 1.83 27.47
CA TRP E 24 -36.46 0.45 27.37
C TRP E 24 -36.69 -0.05 25.98
N VAL E 25 -37.91 0.09 25.49
CA VAL E 25 -38.21 -0.38 24.14
C VAL E 25 -37.33 0.27 23.10
N GLN E 26 -37.11 1.56 23.20
CA GLN E 26 -36.29 2.29 22.27
C GLN E 26 -34.94 1.67 22.16
N ARG E 27 -34.35 1.50 23.32
CA ARG E 27 -33.05 0.95 23.46
C ARG E 27 -33.03 -0.38 22.78
N LYS E 28 -33.95 -1.25 23.13
CA LYS E 28 -33.97 -2.55 22.52
C LYS E 28 -34.07 -2.54 21.03
N ILE E 29 -34.89 -1.67 20.48
CA ILE E 29 -35.05 -1.55 19.07
C ILE E 29 -33.76 -1.27 18.49
N TYR E 30 -33.12 -0.23 18.97
CA TYR E 30 -31.86 0.15 18.44
C TYR E 30 -30.84 -0.91 18.51
N LEU E 31 -30.74 -1.60 19.62
CA LEU E 31 -29.74 -2.63 19.73
C LEU E 31 -29.99 -3.70 18.73
N TYR E 32 -31.22 -4.12 18.60
CA TYR E 32 -31.51 -5.15 17.63
C TYR E 32 -31.25 -4.71 16.22
N ASN E 33 -31.52 -3.47 15.91
CA ASN E 33 -31.27 -2.92 14.63
C ASN E 33 -29.86 -3.08 14.35
N VAL E 34 -28.98 -2.60 15.22
CA VAL E 34 -27.60 -2.74 14.88
C VAL E 34 -27.07 -4.11 14.91
N THR E 35 -27.65 -5.05 15.64
CA THR E 35 -27.05 -6.35 15.59
C THR E 35 -27.35 -6.89 14.25
N PHE E 36 -28.58 -6.96 13.82
CA PHE E 36 -28.71 -7.67 12.55
C PHE E 36 -28.31 -6.95 11.32
N GLY E 37 -27.42 -6.01 11.43
CA GLY E 37 -26.99 -5.31 10.26
C GLY E 37 -28.08 -4.60 9.52
N LEU E 38 -29.03 -4.02 10.20
CA LEU E 38 -30.08 -3.34 9.51
C LEU E 38 -29.92 -1.89 9.73
N TYR E 39 -28.71 -1.44 9.87
CA TYR E 39 -28.54 -0.09 10.18
C TYR E 39 -28.26 0.61 8.93
N MET E 40 -27.29 0.08 8.19
CA MET E 40 -26.85 0.69 6.94
C MET E 40 -27.72 0.49 5.69
N LEU E 41 -28.94 0.00 5.82
CA LEU E 41 -29.72 -0.15 4.61
C LEU E 41 -30.53 1.05 4.31
N ASP E 42 -30.99 1.23 3.11
CA ASP E 42 -31.75 2.43 3.04
C ASP E 42 -33.15 2.16 3.44
N TRP E 43 -33.75 3.19 4.00
CA TRP E 43 -35.06 3.11 4.54
C TRP E 43 -35.91 2.04 3.91
N TRP E 44 -36.06 1.98 2.61
CA TRP E 44 -36.97 1.00 2.07
C TRP E 44 -36.51 -0.40 2.25
N GLU E 45 -35.21 -0.63 2.24
CA GLU E 45 -34.70 -1.95 2.42
C GLU E 45 -35.06 -2.32 3.82
N ARG E 46 -34.79 -1.43 4.77
CA ARG E 46 -35.14 -1.66 6.13
C ARG E 46 -36.63 -1.96 6.29
N TYR E 47 -37.49 -1.20 5.66
CA TYR E 47 -38.91 -1.38 5.73
C TYR E 47 -39.33 -2.78 5.34
N LEU E 48 -38.86 -3.17 4.17
CA LEU E 48 -39.20 -4.46 3.64
C LEU E 48 -38.79 -5.48 4.58
N PHE E 49 -37.54 -5.45 4.99
CA PHE E 49 -37.11 -6.50 5.89
C PHE E 49 -37.83 -6.51 7.23
N ASN E 50 -38.16 -5.34 7.75
CA ASN E 50 -38.88 -5.21 8.97
C ASN E 50 -40.14 -6.00 8.86
N SER E 51 -40.96 -5.71 7.86
CA SER E 51 -42.25 -6.36 7.71
C SER E 51 -42.23 -7.84 7.75
N LEU E 52 -41.33 -8.44 6.99
CA LEU E 52 -41.21 -9.87 6.89
C LEU E 52 -41.24 -10.64 8.14
N VAL E 53 -40.53 -10.19 9.13
CA VAL E 53 -40.59 -10.85 10.39
C VAL E 53 -42.01 -10.74 10.95
N VAL E 54 -42.69 -9.60 10.82
CA VAL E 54 -44.04 -9.54 11.34
C VAL E 54 -44.97 -10.52 10.64
N VAL E 55 -44.81 -10.69 9.33
CA VAL E 55 -45.64 -11.60 8.58
C VAL E 55 -45.42 -12.99 9.11
N LEU E 56 -44.15 -13.32 9.28
CA LEU E 56 -43.77 -14.59 9.80
C LEU E 56 -44.48 -14.85 11.09
N MET E 57 -44.37 -13.94 12.03
CA MET E 57 -45.03 -14.17 13.30
C MET E 57 -46.52 -14.39 13.21
N TRP E 58 -47.20 -13.62 12.37
CA TRP E 58 -48.63 -13.77 12.17
C TRP E 58 -48.91 -15.18 11.82
N PHE E 59 -48.26 -15.61 10.74
CA PHE E 59 -48.39 -16.96 10.24
C PHE E 59 -48.24 -17.95 11.34
N VAL E 60 -47.13 -17.89 12.05
CA VAL E 60 -46.93 -18.83 13.11
C VAL E 60 -47.97 -18.85 14.19
N LEU E 61 -48.33 -17.73 14.78
CA LEU E 61 -49.33 -17.84 15.83
C LEU E 61 -50.68 -18.32 15.36
N TYR E 62 -51.10 -17.95 14.16
CA TYR E 62 -52.40 -18.40 13.73
C TYR E 62 -52.34 -19.88 13.55
N ASN E 63 -51.28 -20.32 12.89
CA ASN E 63 -51.09 -21.72 12.69
C ASN E 63 -51.03 -22.47 14.02
N GLY E 64 -50.31 -21.94 15.00
CA GLY E 64 -50.18 -22.59 16.29
C GLY E 64 -51.53 -22.73 16.96
N THR E 65 -52.30 -21.66 16.89
CA THR E 65 -53.63 -21.62 17.44
C THR E 65 -54.40 -22.79 16.88
N ARG E 66 -54.45 -22.90 15.56
CA ARG E 66 -55.22 -24.01 14.98
C ARG E 66 -54.66 -25.41 15.26
N TYR E 67 -53.35 -25.49 15.45
CA TYR E 67 -52.65 -26.75 15.72
C TYR E 67 -52.71 -27.19 17.16
N PHE E 68 -53.21 -26.30 18.02
CA PHE E 68 -53.35 -26.60 19.44
C PHE E 68 -54.61 -25.95 20.00
N1 PLP F . 5.53 -0.19 7.71
C2 PLP F . 5.03 -0.76 8.81
C2A PLP F . 5.39 -2.18 9.14
C3 PLP F . 4.14 -0.03 9.71
O3 PLP F . 3.64 -0.60 10.79
C4 PLP F . 3.80 1.35 9.38
C4A PLP F . 2.91 2.15 10.25
C5 PLP F . 4.40 1.90 8.15
C6 PLP F . 5.23 1.08 7.39
C5A PLP F . 4.10 3.32 7.73
O4P PLP F . 5.18 3.82 6.96
P PLP F . 5.32 5.33 6.52
O1P PLP F . 5.96 6.07 7.64
O2P PLP F . 6.21 5.22 5.33
O3P PLP F . 3.91 5.76 6.21
#